data_6JCM
#
_entry.id   6JCM
#
_cell.length_a   81.333
_cell.length_b   94.262
_cell.length_c   125.677
_cell.angle_alpha   90.000
_cell.angle_beta   90.000
_cell.angle_gamma   90.000
#
_symmetry.space_group_name_H-M   'P 21 21 21'
#
loop_
_entity.id
_entity.type
_entity.pdbx_description
1 polymer 'Probable O-methyltransferase'
2 non-polymer 'ACETATE ION'
3 water water
#
_entity_poly.entity_id   1
_entity_poly.type   'polypeptide(L)'
_entity_poly.pdbx_seq_one_letter_code
;MAGSHHHHHHGMASMTGGQQMGRSGDDDDKMDQQPNPPDVDAFLDSTLVGDDPALAAALAASDAAELPRIAVSAQQGKFL
CLLAGAIQARRVLEIGTLGGFSTIWLARGAGPQGRVVTLEYQPKHAEVARVNLQRAGVADRVEVVVGPALDTLPTLAGGP
FDLVFIDADKENNVAYIQWAIRLARRGAVIVVDNVIRGGGILAESDDADAVAARRTLQMMGEHPGLDATAIQTVGRKGWD
GFALALVR
;
_entity_poly.pdbx_strand_id   A,B,C,D
#
# COMPACT_ATOMS: atom_id res chain seq x y z
N GLN A 34 -17.62 37.83 20.52
CA GLN A 34 -16.45 37.31 19.79
C GLN A 34 -16.27 35.83 20.13
N PRO A 35 -16.68 34.86 19.29
CA PRO A 35 -16.28 33.46 19.49
C PRO A 35 -14.75 33.30 19.65
N ASN A 36 -14.33 32.49 20.61
CA ASN A 36 -12.91 32.11 20.83
C ASN A 36 -12.79 30.58 20.66
N PRO A 37 -11.55 30.03 20.56
CA PRO A 37 -11.37 28.59 20.34
C PRO A 37 -11.89 27.66 21.44
N PRO A 38 -11.77 27.99 22.75
CA PRO A 38 -12.37 27.18 23.80
C PRO A 38 -13.89 27.03 23.60
N ASP A 39 -14.60 28.10 23.22
CA ASP A 39 -16.07 28.05 22.97
C ASP A 39 -16.35 27.12 21.79
N VAL A 40 -15.61 27.25 20.69
CA VAL A 40 -15.78 26.38 19.49
C VAL A 40 -15.56 24.93 19.96
N ASP A 41 -14.57 24.65 20.81
CA ASP A 41 -14.27 23.25 21.23
C ASP A 41 -15.44 22.68 22.05
N ALA A 42 -16.11 23.46 22.89
CA ALA A 42 -17.28 23.00 23.66
C ALA A 42 -18.39 22.59 22.68
N PHE A 43 -18.59 23.36 21.61
CA PHE A 43 -19.55 22.99 20.54
C PHE A 43 -19.08 21.70 19.81
N LEU A 44 -17.80 21.60 19.45
CA LEU A 44 -17.26 20.40 18.76
C LEU A 44 -17.40 19.17 19.68
N ASP A 45 -17.19 19.33 21.00
CA ASP A 45 -17.22 18.21 21.97
C ASP A 45 -18.65 17.68 22.08
N SER A 46 -19.60 18.60 22.26
CA SER A 46 -21.05 18.29 22.31
C SER A 46 -21.50 17.57 21.03
N THR A 47 -21.08 18.07 19.85
CA THR A 47 -21.54 17.58 18.53
C THR A 47 -20.87 16.23 18.17
N LEU A 48 -19.57 16.07 18.41
CA LEU A 48 -18.78 14.96 17.78
C LEU A 48 -18.33 13.93 18.80
N VAL A 49 -18.25 14.30 20.08
CA VAL A 49 -17.78 13.40 21.16
C VAL A 49 -18.97 13.04 22.05
N GLY A 50 -19.73 14.03 22.54
CA GLY A 50 -20.90 13.80 23.40
C GLY A 50 -20.48 13.36 24.81
N ASP A 51 -21.43 12.86 25.61
CA ASP A 51 -21.18 12.44 27.01
C ASP A 51 -20.28 11.23 27.00
N ASP A 52 -19.18 11.27 27.72
CA ASP A 52 -18.25 10.14 27.84
C ASP A 52 -17.82 10.03 29.30
N PRO A 53 -18.63 9.39 30.16
CA PRO A 53 -18.35 9.33 31.59
C PRO A 53 -16.98 8.76 31.92
N ALA A 54 -16.51 7.73 31.21
CA ALA A 54 -15.18 7.12 31.49
C ALA A 54 -14.07 8.16 31.30
N LEU A 55 -14.17 9.00 30.27
CA LEU A 55 -13.14 10.04 30.00
C LEU A 55 -13.26 11.14 31.06
N ALA A 56 -14.47 11.58 31.39
CA ALA A 56 -14.72 12.62 32.41
C ALA A 56 -14.08 12.16 33.72
N ALA A 57 -14.31 10.90 34.11
CA ALA A 57 -13.77 10.33 35.37
C ALA A 57 -12.23 10.29 35.30
N ALA A 58 -11.65 9.95 34.15
CA ALA A 58 -10.17 9.95 34.04
C ALA A 58 -9.60 11.37 34.28
N LEU A 59 -10.24 12.39 33.70
CA LEU A 59 -9.77 13.79 33.85
C LEU A 59 -9.93 14.24 35.31
N ALA A 60 -11.05 13.95 35.96
CA ALA A 60 -11.31 14.27 37.39
C ALA A 60 -10.25 13.60 38.27
N ALA A 61 -10.00 12.29 38.09
CA ALA A 61 -9.05 11.56 38.93
C ALA A 61 -7.64 12.12 38.72
N SER A 62 -7.29 12.49 37.49
CA SER A 62 -5.97 13.08 37.19
C SER A 62 -5.82 14.44 37.91
N ASP A 63 -6.89 15.22 37.97
CA ASP A 63 -6.86 16.53 38.67
C ASP A 63 -6.68 16.30 40.18
N ALA A 64 -7.48 15.42 40.79
CA ALA A 64 -7.41 15.06 42.23
C ALA A 64 -6.00 14.60 42.62
N ALA A 65 -5.30 13.82 41.77
CA ALA A 65 -3.98 13.25 42.12
C ALA A 65 -2.87 14.22 41.68
N GLU A 66 -3.23 15.41 41.19
CA GLU A 66 -2.24 16.47 40.90
C GLU A 66 -1.27 16.00 39.81
N LEU A 67 -1.74 15.26 38.81
CA LEU A 67 -0.92 15.03 37.59
C LEU A 67 -0.70 16.35 36.88
N PRO A 68 0.27 16.39 35.93
CA PRO A 68 0.39 17.51 35.00
C PRO A 68 -0.92 17.64 34.20
N ARG A 69 -1.14 18.75 33.49
CA ARG A 69 -2.33 18.92 32.61
C ARG A 69 -2.30 17.83 31.53
N ILE A 70 -3.45 17.28 31.16
CA ILE A 70 -3.55 16.33 30.02
C ILE A 70 -3.15 17.12 28.76
N ALA A 71 -2.41 16.49 27.85
CA ALA A 71 -1.79 17.18 26.69
C ALA A 71 -2.80 17.41 25.57
N VAL A 72 -3.80 16.53 25.43
CA VAL A 72 -4.71 16.58 24.27
C VAL A 72 -6.10 16.96 24.75
N SER A 73 -6.80 17.75 23.94
CA SER A 73 -8.26 18.00 24.02
C SER A 73 -9.03 16.72 23.69
N ALA A 74 -10.33 16.70 23.92
CA ALA A 74 -11.21 15.60 23.48
C ALA A 74 -11.13 15.47 21.96
N GLN A 75 -11.14 16.56 21.20
CA GLN A 75 -11.07 16.45 19.71
C GLN A 75 -9.73 15.83 19.30
N GLN A 76 -8.64 16.24 19.93
CA GLN A 76 -7.28 15.78 19.59
C GLN A 76 -7.11 14.32 20.00
N GLY A 77 -7.67 13.97 21.17
CA GLY A 77 -7.69 12.59 21.65
C GLY A 77 -8.46 11.70 20.68
N LYS A 78 -9.64 12.14 20.26
CA LYS A 78 -10.44 11.36 19.30
C LYS A 78 -9.71 11.27 17.95
N PHE A 79 -8.96 12.30 17.56
CA PHE A 79 -8.07 12.24 16.37
C PHE A 79 -7.11 11.04 16.49
N LEU A 80 -6.49 10.84 17.65
CA LEU A 80 -5.54 9.72 17.87
C LEU A 80 -6.29 8.40 17.71
N CYS A 81 -7.49 8.32 18.25
CA CYS A 81 -8.43 7.16 18.13
C CYS A 81 -8.68 6.82 16.66
N LEU A 82 -9.09 7.82 15.87
CA LEU A 82 -9.46 7.66 14.44
C LEU A 82 -8.23 7.33 13.60
N LEU A 83 -7.08 7.91 13.92
CA LEU A 83 -5.80 7.64 13.24
C LEU A 83 -5.43 6.16 13.44
N ALA A 84 -5.48 5.69 14.70
CA ALA A 84 -5.25 4.27 15.05
C ALA A 84 -6.19 3.37 14.24
N GLY A 85 -7.48 3.68 14.21
CA GLY A 85 -8.46 2.93 13.40
C GLY A 85 -8.14 2.98 11.89
N ALA A 86 -7.83 4.17 11.38
CA ALA A 86 -7.53 4.40 9.95
C ALA A 86 -6.37 3.50 9.51
N ILE A 87 -5.29 3.41 10.30
CA ILE A 87 -4.08 2.63 9.89
C ILE A 87 -4.20 1.18 10.39
N GLN A 88 -5.29 0.79 11.05
CA GLN A 88 -5.51 -0.55 11.63
C GLN A 88 -4.36 -0.90 12.60
N ALA A 89 -4.03 0.04 13.49
CA ALA A 89 -2.96 -0.13 14.51
C ALA A 89 -3.33 -1.35 15.38
N ARG A 90 -2.39 -2.26 15.58
CA ARG A 90 -2.52 -3.40 16.51
C ARG A 90 -1.56 -3.18 17.68
N ARG A 91 -0.44 -2.50 17.46
CA ARG A 91 0.58 -2.25 18.51
C ARG A 91 0.86 -0.76 18.57
N VAL A 92 0.54 -0.14 19.70
CA VAL A 92 0.68 1.31 19.93
C VAL A 92 1.66 1.55 21.09
N LEU A 93 2.62 2.46 20.90
CA LEU A 93 3.53 2.90 21.98
C LEU A 93 3.13 4.33 22.38
N GLU A 94 2.88 4.55 23.67
CA GLU A 94 2.63 5.92 24.21
C GLU A 94 3.75 6.24 25.20
N ILE A 95 4.45 7.35 24.97
CA ILE A 95 5.49 7.87 25.89
C ILE A 95 4.88 9.05 26.65
N GLY A 96 4.41 8.80 27.88
CA GLY A 96 3.80 9.80 28.76
C GLY A 96 2.34 9.51 28.93
N THR A 97 2.01 8.65 29.90
CA THR A 97 0.63 8.17 30.13
C THR A 97 -0.28 9.35 30.54
N LEU A 98 0.21 10.27 31.36
CA LEU A 98 -0.55 11.45 31.85
C LEU A 98 -1.99 11.07 32.21
N GLY A 99 -2.17 10.06 33.06
CA GLY A 99 -3.47 9.71 33.62
C GLY A 99 -4.30 8.82 32.71
N GLY A 100 -3.90 8.63 31.46
CA GLY A 100 -4.49 7.61 30.57
C GLY A 100 -5.68 8.09 29.77
N PHE A 101 -5.96 9.39 29.73
CA PHE A 101 -6.94 10.03 28.80
C PHE A 101 -6.55 9.70 27.35
N SER A 102 -5.31 9.99 26.97
CA SER A 102 -4.76 9.75 25.61
C SER A 102 -4.78 8.24 25.33
N THR A 103 -4.46 7.46 26.36
CA THR A 103 -4.32 6.00 26.29
C THR A 103 -5.70 5.38 26.02
N ILE A 104 -6.75 5.87 26.66
CA ILE A 104 -8.11 5.34 26.44
C ILE A 104 -8.48 5.54 24.97
N TRP A 105 -8.26 6.74 24.44
CA TRP A 105 -8.50 7.02 23.00
C TRP A 105 -7.70 6.04 22.13
N LEU A 106 -6.41 5.87 22.37
CA LEU A 106 -5.56 4.96 21.57
C LEU A 106 -6.05 3.50 21.66
N ALA A 107 -6.44 3.03 22.85
CA ALA A 107 -6.92 1.65 23.11
C ALA A 107 -8.25 1.44 22.42
N ARG A 108 -9.12 2.45 22.42
CA ARG A 108 -10.40 2.36 21.65
C ARG A 108 -10.07 2.24 20.16
N GLY A 109 -9.07 2.98 19.67
CA GLY A 109 -8.76 3.01 18.22
C GLY A 109 -8.08 1.73 17.79
N ALA A 110 -7.24 1.14 18.64
CA ALA A 110 -6.53 -0.12 18.35
C ALA A 110 -7.53 -1.29 18.40
N GLY A 111 -8.68 -1.13 19.05
CA GLY A 111 -9.77 -2.12 19.03
C GLY A 111 -9.49 -3.33 19.94
N PRO A 112 -10.44 -4.28 20.03
CA PRO A 112 -10.32 -5.39 20.98
C PRO A 112 -9.06 -6.24 20.80
N GLN A 113 -8.52 -6.31 19.58
CA GLN A 113 -7.28 -7.10 19.27
C GLN A 113 -6.02 -6.26 19.48
N GLY A 114 -6.15 -4.95 19.73
CA GLY A 114 -4.99 -4.06 19.81
C GLY A 114 -4.34 -4.12 21.17
N ARG A 115 -3.06 -3.79 21.22
CA ARG A 115 -2.26 -3.69 22.47
C ARG A 115 -1.63 -2.31 22.51
N VAL A 116 -1.78 -1.60 23.62
CA VAL A 116 -1.08 -0.32 23.87
C VAL A 116 -0.04 -0.56 24.94
N VAL A 117 1.18 -0.10 24.71
CA VAL A 117 2.24 -0.03 25.75
C VAL A 117 2.42 1.46 26.10
N THR A 118 2.16 1.85 27.34
CA THR A 118 2.25 3.27 27.73
C THR A 118 3.28 3.40 28.87
N LEU A 119 4.21 4.36 28.74
CA LEU A 119 5.34 4.60 29.66
C LEU A 119 5.01 5.76 30.60
N GLU A 120 5.06 5.51 31.89
CA GLU A 120 4.84 6.54 32.93
C GLU A 120 6.03 6.52 33.89
N TYR A 121 6.56 7.69 34.22
CA TYR A 121 7.69 7.88 35.17
C TYR A 121 7.27 7.58 36.62
N GLN A 122 6.24 8.25 37.14
CA GLN A 122 5.84 8.25 38.58
C GLN A 122 4.89 7.08 38.89
N PRO A 123 5.21 6.22 39.88
CA PRO A 123 4.30 5.12 40.27
C PRO A 123 2.89 5.54 40.68
N LYS A 124 2.74 6.69 41.36
CA LYS A 124 1.43 7.23 41.80
C LYS A 124 0.62 7.56 40.54
N HIS A 125 1.26 8.20 39.55
CA HIS A 125 0.63 8.59 38.26
C HIS A 125 0.24 7.33 37.48
N ALA A 126 1.11 6.31 37.49
CA ALA A 126 0.85 5.00 36.88
C ALA A 126 -0.40 4.37 37.49
N GLU A 127 -0.55 4.46 38.81
CA GLU A 127 -1.70 3.84 39.51
C GLU A 127 -3.01 4.57 39.12
N VAL A 128 -2.98 5.90 39.06
CA VAL A 128 -4.14 6.69 38.57
C VAL A 128 -4.54 6.18 37.17
N ALA A 129 -3.57 6.07 36.28
CA ALA A 129 -3.80 5.62 34.88
C ALA A 129 -4.47 4.23 34.87
N ARG A 130 -3.95 3.28 35.64
CA ARG A 130 -4.50 1.89 35.64
C ARG A 130 -5.98 1.91 36.02
N VAL A 131 -6.34 2.70 37.03
CA VAL A 131 -7.73 2.78 37.53
C VAL A 131 -8.59 3.40 36.44
N ASN A 132 -8.10 4.48 35.82
CA ASN A 132 -8.84 5.14 34.70
C ASN A 132 -9.03 4.13 33.55
N LEU A 133 -8.01 3.34 33.21
CA LEU A 133 -8.09 2.31 32.12
C LEU A 133 -9.11 1.21 32.48
N GLN A 134 -9.10 0.71 33.72
CA GLN A 134 -10.10 -0.28 34.23
C GLN A 134 -11.50 0.30 34.11
N ARG A 135 -11.72 1.55 34.56
CA ARG A 135 -13.06 2.18 34.52
C ARG A 135 -13.52 2.34 33.06
N ALA A 136 -12.62 2.57 32.12
CA ALA A 136 -13.00 2.75 30.70
C ALA A 136 -13.13 1.39 29.99
N GLY A 137 -12.85 0.28 30.67
CA GLY A 137 -13.08 -1.07 30.10
C GLY A 137 -12.04 -1.46 29.05
N VAL A 138 -10.79 -0.97 29.17
CA VAL A 138 -9.74 -1.22 28.14
C VAL A 138 -8.45 -1.67 28.83
N ALA A 139 -8.50 -1.97 30.14
CA ALA A 139 -7.31 -2.35 30.96
C ALA A 139 -6.62 -3.57 30.33
N ASP A 140 -7.39 -4.48 29.74
CA ASP A 140 -6.86 -5.74 29.16
C ASP A 140 -6.08 -5.44 27.88
N ARG A 141 -6.26 -4.29 27.25
CA ARG A 141 -5.58 -3.91 25.97
C ARG A 141 -4.30 -3.12 26.28
N VAL A 142 -4.08 -2.73 27.54
CA VAL A 142 -3.04 -1.73 27.89
C VAL A 142 -2.10 -2.32 28.92
N GLU A 143 -0.80 -2.15 28.71
CA GLU A 143 0.26 -2.41 29.71
C GLU A 143 0.90 -1.06 30.05
N VAL A 144 0.76 -0.63 31.30
CA VAL A 144 1.45 0.57 31.82
C VAL A 144 2.81 0.13 32.34
N VAL A 145 3.89 0.71 31.83
CA VAL A 145 5.28 0.33 32.17
C VAL A 145 5.90 1.49 32.93
N VAL A 146 6.24 1.26 34.19
CA VAL A 146 6.63 2.35 35.14
C VAL A 146 8.15 2.49 35.14
N GLY A 147 8.65 3.71 35.14
CA GLY A 147 10.09 4.00 35.27
C GLY A 147 10.47 5.08 34.27
N PRO A 148 11.72 5.59 34.32
CA PRO A 148 12.18 6.54 33.31
C PRO A 148 12.16 5.86 31.94
N ALA A 149 11.62 6.56 30.94
CA ALA A 149 11.38 6.04 29.57
C ALA A 149 12.72 5.65 28.92
N LEU A 150 13.78 6.40 29.19
CA LEU A 150 15.15 6.09 28.68
C LEU A 150 15.69 4.77 29.25
N ASP A 151 15.22 4.31 30.41
CA ASP A 151 15.55 2.97 30.98
C ASP A 151 14.58 1.88 30.50
N THR A 152 13.29 2.19 30.29
CA THR A 152 12.27 1.17 29.95
C THR A 152 12.19 0.94 28.44
N LEU A 153 12.47 1.95 27.60
CA LEU A 153 12.40 1.84 26.11
C LEU A 153 13.28 0.68 25.61
N PRO A 154 14.56 0.58 26.02
CA PRO A 154 15.41 -0.53 25.58
C PRO A 154 14.90 -1.93 25.99
N THR A 155 13.98 -2.02 26.95
CA THR A 155 13.49 -3.31 27.51
C THR A 155 12.19 -3.75 26.82
N LEU A 156 11.61 -2.95 25.92
CA LEU A 156 10.26 -3.22 25.35
C LEU A 156 10.39 -4.29 24.26
N ALA A 157 9.58 -5.33 24.28
CA ALA A 157 9.49 -6.34 23.20
C ALA A 157 8.05 -6.44 22.66
N GLY A 158 7.20 -5.44 22.92
CA GLY A 158 5.78 -5.40 22.50
C GLY A 158 5.58 -4.87 21.09
N GLY A 159 6.65 -4.67 20.32
CA GLY A 159 6.65 -4.08 18.96
C GLY A 159 6.76 -5.13 17.87
N PRO A 160 7.13 -4.77 16.61
CA PRO A 160 7.28 -3.36 16.21
C PRO A 160 5.94 -2.60 16.25
N PHE A 161 6.02 -1.31 16.57
CA PHE A 161 4.82 -0.47 16.77
C PHE A 161 4.33 0.12 15.45
N ASP A 162 2.99 0.22 15.33
CA ASP A 162 2.28 0.82 14.18
C ASP A 162 2.16 2.33 14.40
N LEU A 163 2.07 2.76 15.65
CA LEU A 163 1.73 4.15 16.02
C LEU A 163 2.45 4.47 17.33
N VAL A 164 3.13 5.60 17.37
CA VAL A 164 3.84 6.05 18.58
C VAL A 164 3.33 7.46 18.90
N PHE A 165 2.94 7.69 20.13
CA PHE A 165 2.40 8.98 20.60
C PHE A 165 3.30 9.47 21.73
N ILE A 166 3.85 10.68 21.59
CA ILE A 166 4.83 11.22 22.56
C ILE A 166 4.25 12.53 23.12
N ASP A 167 4.00 12.60 24.42
CA ASP A 167 3.39 13.83 25.00
C ASP A 167 3.90 14.11 26.41
N ALA A 168 5.07 13.62 26.79
CA ALA A 168 5.66 14.02 28.09
C ALA A 168 7.15 14.27 27.94
N ASP A 169 7.71 15.06 28.85
CA ASP A 169 9.16 15.17 29.11
C ASP A 169 9.86 15.59 27.82
N LYS A 170 9.54 16.79 27.33
CA LYS A 170 10.00 17.32 26.02
C LYS A 170 11.53 17.40 25.90
N GLU A 171 12.24 17.60 27.00
CA GLU A 171 13.72 17.76 26.98
C GLU A 171 14.34 16.48 26.41
N ASN A 172 13.65 15.34 26.51
CA ASN A 172 14.14 14.01 26.03
C ASN A 172 13.53 13.62 24.67
N ASN A 173 12.91 14.55 23.96
CA ASN A 173 12.14 14.26 22.73
C ASN A 173 13.05 13.66 21.65
N VAL A 174 14.26 14.17 21.49
CA VAL A 174 15.18 13.68 20.43
C VAL A 174 15.43 12.21 20.69
N ALA A 175 15.69 11.82 21.93
CA ALA A 175 15.95 10.40 22.29
C ALA A 175 14.67 9.58 22.06
N TYR A 176 13.51 10.13 22.41
CA TYR A 176 12.23 9.39 22.32
C TYR A 176 11.90 9.09 20.86
N ILE A 177 12.13 10.06 20.00
CA ILE A 177 11.87 9.95 18.54
C ILE A 177 12.84 8.93 17.95
N GLN A 178 14.13 8.95 18.34
CA GLN A 178 15.10 7.93 17.85
C GLN A 178 14.63 6.55 18.30
N TRP A 179 14.23 6.39 19.56
CA TRP A 179 13.69 5.10 20.06
C TRP A 179 12.42 4.73 19.29
N ALA A 180 11.53 5.69 19.02
CA ALA A 180 10.28 5.46 18.27
C ALA A 180 10.60 4.84 16.90
N ILE A 181 11.54 5.42 16.18
CA ILE A 181 11.97 4.95 14.83
C ILE A 181 12.49 3.51 14.97
N ARG A 182 13.35 3.27 15.95
CA ARG A 182 13.99 1.94 16.20
C ARG A 182 12.89 0.91 16.47
N LEU A 183 11.85 1.26 17.24
CA LEU A 183 10.84 0.28 17.72
C LEU A 183 9.66 0.19 16.75
N ALA A 184 9.60 1.06 15.73
CA ALA A 184 8.41 1.17 14.84
C ALA A 184 8.67 0.43 13.52
N ARG A 185 7.63 -0.10 12.90
CA ARG A 185 7.69 -0.63 11.52
C ARG A 185 7.84 0.52 10.52
N ARG A 186 8.28 0.17 9.33
CA ARG A 186 8.26 1.06 8.15
C ARG A 186 6.82 1.49 7.92
N GLY A 187 6.59 2.78 7.66
CA GLY A 187 5.24 3.31 7.43
C GLY A 187 4.50 3.62 8.72
N ALA A 188 5.11 3.38 9.87
CA ALA A 188 4.48 3.69 11.17
C ALA A 188 4.29 5.20 11.31
N VAL A 189 3.33 5.60 12.14
CA VAL A 189 3.01 7.03 12.37
C VAL A 189 3.60 7.40 13.72
N ILE A 190 4.33 8.52 13.77
CA ILE A 190 4.74 9.10 15.07
C ILE A 190 4.06 10.46 15.20
N VAL A 191 3.46 10.68 16.35
CA VAL A 191 2.80 11.98 16.66
C VAL A 191 3.49 12.49 17.91
N VAL A 192 3.95 13.73 17.82
CA VAL A 192 4.62 14.40 18.96
C VAL A 192 3.75 15.59 19.32
N ASP A 193 3.25 15.59 20.54
CA ASP A 193 2.33 16.66 21.01
C ASP A 193 3.11 17.88 21.50
N ASN A 194 2.50 19.05 21.42
CA ASN A 194 2.98 20.32 22.04
C ASN A 194 4.35 20.71 21.48
N VAL A 195 4.43 20.92 20.18
CA VAL A 195 5.68 21.33 19.50
C VAL A 195 5.65 22.82 19.13
N ILE A 196 4.63 23.58 19.52
CA ILE A 196 4.46 25.02 19.11
C ILE A 196 4.55 25.98 20.31
N ARG A 197 3.95 25.63 21.46
CA ARG A 197 4.12 26.33 22.77
C ARG A 197 3.70 27.80 22.65
N GLY A 198 2.52 28.09 22.14
CA GLY A 198 2.02 29.46 21.95
C GLY A 198 2.96 30.32 21.12
N GLY A 199 3.72 29.74 20.19
CA GLY A 199 4.65 30.55 19.36
C GLY A 199 6.01 30.75 20.02
N GLY A 200 6.18 30.25 21.25
CA GLY A 200 7.44 30.37 22.02
C GLY A 200 8.64 29.77 21.29
N ILE A 201 8.42 28.81 20.37
CA ILE A 201 9.54 28.18 19.61
C ILE A 201 10.27 29.23 18.75
N LEU A 202 9.71 30.42 18.55
CA LEU A 202 10.34 31.44 17.66
C LEU A 202 11.31 32.34 18.44
N ALA A 203 10.93 32.85 19.60
CA ALA A 203 11.78 33.65 20.52
C ALA A 203 11.56 33.10 21.94
N GLU A 204 12.34 32.10 22.33
CA GLU A 204 11.96 31.10 23.36
C GLU A 204 12.86 31.12 24.61
N SER A 205 13.75 32.10 24.78
CA SER A 205 15.00 31.95 25.56
C SER A 205 14.69 31.58 27.01
N ASP A 206 13.67 32.22 27.61
CA ASP A 206 13.22 31.93 29.00
C ASP A 206 12.94 30.41 29.17
N ASP A 207 12.29 29.77 28.19
CA ASP A 207 11.43 28.59 28.42
C ASP A 207 12.11 27.32 27.91
N ALA A 208 12.43 26.38 28.79
CA ALA A 208 13.10 25.10 28.45
C ALA A 208 12.23 24.30 27.47
N ASP A 209 10.93 24.40 27.70
CA ASP A 209 9.89 23.70 26.91
C ASP A 209 9.93 24.20 25.47
N ALA A 210 9.96 25.51 25.27
CA ALA A 210 9.94 26.18 23.95
C ALA A 210 11.22 25.84 23.21
N VAL A 211 12.35 25.83 23.94
CA VAL A 211 13.67 25.48 23.37
C VAL A 211 13.61 24.02 22.88
N ALA A 212 13.13 23.14 23.75
CA ALA A 212 13.07 21.69 23.49
C ALA A 212 12.14 21.42 22.30
N ALA A 213 11.01 22.13 22.19
CA ALA A 213 10.04 21.96 21.10
C ALA A 213 10.71 22.38 19.80
N ARG A 214 11.41 23.51 19.80
CA ARG A 214 12.11 24.03 18.61
C ARG A 214 13.13 22.97 18.15
N ARG A 215 13.87 22.39 19.09
CA ARG A 215 14.91 21.36 18.78
C ARG A 215 14.22 20.11 18.18
N THR A 216 13.04 19.71 18.67
CA THR A 216 12.38 18.48 18.16
C THR A 216 11.92 18.74 16.73
N LEU A 217 11.47 19.93 16.37
CA LEU A 217 11.02 20.23 14.99
C LEU A 217 12.24 20.16 14.06
N GLN A 218 13.36 20.77 14.44
CA GLN A 218 14.57 20.84 13.57
C GLN A 218 15.12 19.44 13.37
N MET A 219 15.06 18.60 14.40
CA MET A 219 15.54 17.21 14.33
C MET A 219 14.64 16.42 13.37
N MET A 220 13.30 16.57 13.50
CA MET A 220 12.34 15.79 12.68
C MET A 220 12.48 16.23 11.23
N GLY A 221 12.68 17.52 10.99
CA GLY A 221 12.81 18.09 9.63
C GLY A 221 14.05 17.62 8.90
N GLU A 222 15.16 17.35 9.61
CA GLU A 222 16.43 16.94 8.97
C GLU A 222 16.63 15.41 9.02
N HIS A 223 15.72 14.65 9.63
CA HIS A 223 15.94 13.20 9.82
C HIS A 223 15.59 12.47 8.53
N PRO A 224 16.56 11.78 7.90
CA PRO A 224 16.31 11.06 6.65
C PRO A 224 15.39 9.84 6.81
N GLY A 225 15.18 9.35 8.04
CA GLY A 225 14.30 8.21 8.32
C GLY A 225 12.84 8.62 8.55
N LEU A 226 12.52 9.91 8.48
CA LEU A 226 11.16 10.48 8.74
C LEU A 226 10.70 11.32 7.55
N ASP A 227 9.39 11.39 7.29
CA ASP A 227 8.77 12.54 6.59
C ASP A 227 7.72 13.17 7.54
N ALA A 228 7.81 14.46 7.79
CA ALA A 228 7.15 15.13 8.94
C ALA A 228 6.46 16.45 8.54
N THR A 229 5.35 16.74 9.21
CA THR A 229 4.63 18.03 9.15
C THR A 229 4.32 18.44 10.57
N ALA A 230 3.92 19.69 10.78
CA ALA A 230 3.45 20.16 12.10
C ALA A 230 2.18 21.00 11.91
N ILE A 231 1.12 20.60 12.59
CA ILE A 231 -0.21 21.29 12.51
C ILE A 231 -0.35 22.17 13.77
N GLN A 232 -0.42 23.48 13.61
CA GLN A 232 -0.72 24.40 14.72
C GLN A 232 -2.20 24.28 15.06
N THR A 233 -2.52 24.14 16.34
CA THR A 233 -3.88 23.91 16.84
C THR A 233 -4.27 25.03 17.81
N VAL A 234 -5.56 25.27 17.91
CA VAL A 234 -6.18 26.06 19.00
C VAL A 234 -7.37 25.27 19.50
N GLY A 235 -7.89 25.66 20.65
CA GLY A 235 -9.08 25.02 21.24
C GLY A 235 -8.97 25.05 22.75
N ARG A 236 -9.43 24.01 23.44
CA ARG A 236 -9.53 24.06 24.92
C ARG A 236 -8.11 23.91 25.50
N LYS A 237 -7.11 23.47 24.72
CA LYS A 237 -5.73 23.38 25.26
C LYS A 237 -4.87 24.57 24.83
N GLY A 238 -5.47 25.60 24.25
CA GLY A 238 -4.73 26.80 23.82
C GLY A 238 -3.99 26.64 22.49
N TRP A 239 -3.16 27.61 22.18
CA TRP A 239 -2.37 27.68 20.94
C TRP A 239 -1.14 26.78 21.07
N ASP A 240 -1.14 25.65 20.38
CA ASP A 240 0.02 24.74 20.42
C ASP A 240 0.03 24.01 19.08
N GLY A 241 0.44 22.75 19.07
CA GLY A 241 0.41 22.00 17.81
C GLY A 241 1.02 20.64 18.01
N PHE A 242 0.95 19.80 16.98
CA PHE A 242 1.55 18.45 17.02
C PHE A 242 2.34 18.26 15.72
N ALA A 243 3.42 17.50 15.81
CA ALA A 243 4.18 17.02 14.65
C ALA A 243 3.64 15.62 14.35
N LEU A 244 3.53 15.32 13.07
CA LEU A 244 3.13 13.98 12.61
C LEU A 244 4.14 13.54 11.58
N ALA A 245 4.69 12.35 11.74
CA ALA A 245 5.74 11.83 10.85
C ALA A 245 5.39 10.41 10.44
N LEU A 246 5.78 10.05 9.23
CA LEU A 246 5.85 8.65 8.77
C LEU A 246 7.30 8.20 8.91
N VAL A 247 7.51 6.99 9.42
CA VAL A 247 8.80 6.27 9.43
C VAL A 247 9.06 5.76 8.02
N ARG A 248 10.16 6.14 7.40
CA ARG A 248 10.53 5.60 6.06
C ARG A 248 11.10 4.19 6.24
N GLN B 34 5.34 38.82 20.52
CA GLN B 34 5.39 39.14 19.07
C GLN B 34 4.88 37.93 18.28
N PRO B 35 5.37 36.68 18.46
CA PRO B 35 5.10 35.61 17.49
C PRO B 35 3.60 35.33 17.28
N ASN B 36 3.21 35.21 16.01
CA ASN B 36 1.82 34.91 15.57
C ASN B 36 1.85 33.62 14.75
N PRO B 37 0.68 33.00 14.44
CA PRO B 37 0.66 31.75 13.67
C PRO B 37 1.21 31.80 12.24
N PRO B 38 1.01 32.88 11.45
CA PRO B 38 1.65 32.98 10.14
C PRO B 38 3.19 32.90 10.26
N ASP B 39 3.79 33.56 11.24
CA ASP B 39 5.27 33.52 11.45
C ASP B 39 5.70 32.10 11.83
N VAL B 40 4.98 31.44 12.74
CA VAL B 40 5.30 30.03 13.12
C VAL B 40 5.22 29.19 11.83
N ASP B 41 4.23 29.39 10.97
CA ASP B 41 4.07 28.55 9.75
C ASP B 41 5.26 28.76 8.80
N ALA B 42 5.81 29.97 8.69
CA ALA B 42 7.00 30.22 7.83
C ALA B 42 8.18 29.42 8.38
N PHE B 43 8.35 29.36 9.70
CA PHE B 43 9.37 28.51 10.36
C PHE B 43 9.07 27.02 10.08
N LEU B 44 7.82 26.57 10.24
CA LEU B 44 7.48 25.13 10.02
C LEU B 44 7.71 24.78 8.54
N ASP B 45 7.41 25.70 7.61
CA ASP B 45 7.53 25.44 6.15
C ASP B 45 9.02 25.27 5.79
N SER B 46 9.85 26.19 6.25
CA SER B 46 11.32 26.15 6.09
C SER B 46 11.89 24.85 6.69
N THR B 47 11.48 24.46 7.90
CA THR B 47 12.01 23.31 8.65
C THR B 47 11.53 21.97 8.05
N LEU B 48 10.24 21.82 7.71
CA LEU B 48 9.64 20.49 7.44
C LEU B 48 9.32 20.28 5.96
N VAL B 49 9.19 21.36 5.19
CA VAL B 49 8.80 21.29 3.76
C VAL B 49 9.99 21.73 2.90
N GLY B 50 10.55 22.91 3.17
CA GLY B 50 11.71 23.45 2.46
C GLY B 50 11.34 23.89 1.05
N ASP B 51 12.33 24.02 0.16
CA ASP B 51 12.10 24.50 -1.23
C ASP B 51 11.32 23.43 -1.97
N ASP B 52 10.19 23.79 -2.56
CA ASP B 52 9.35 22.87 -3.35
C ASP B 52 8.88 23.66 -4.56
N PRO B 53 9.73 23.78 -5.61
CA PRO B 53 9.40 24.64 -6.74
C PRO B 53 8.06 24.27 -7.41
N ALA B 54 7.75 22.99 -7.54
CA ALA B 54 6.48 22.55 -8.18
C ALA B 54 5.28 23.12 -7.39
N LEU B 55 5.31 23.14 -6.07
CA LEU B 55 4.20 23.68 -5.24
C LEU B 55 4.16 25.21 -5.38
N ALA B 56 5.32 25.87 -5.31
CA ALA B 56 5.43 27.34 -5.47
C ALA B 56 4.82 27.74 -6.82
N ALA B 57 5.16 27.01 -7.89
CA ALA B 57 4.68 27.29 -9.26
C ALA B 57 3.17 27.07 -9.31
N ALA B 58 2.64 26.03 -8.68
CA ALA B 58 1.18 25.79 -8.66
C ALA B 58 0.45 26.96 -7.99
N LEU B 59 0.98 27.49 -6.89
CA LEU B 59 0.34 28.61 -6.15
C LEU B 59 0.37 29.88 -7.03
N ALA B 60 1.50 30.19 -7.66
CA ALA B 60 1.67 31.35 -8.56
C ALA B 60 0.68 31.23 -9.73
N ALA B 61 0.63 30.08 -10.41
CA ALA B 61 -0.26 29.89 -11.58
C ALA B 61 -1.72 30.01 -11.13
N SER B 62 -2.08 29.52 -9.94
CA SER B 62 -3.47 29.59 -9.44
C SER B 62 -3.82 31.06 -9.17
N ASP B 63 -2.87 31.85 -8.68
CA ASP B 63 -3.09 33.29 -8.42
C ASP B 63 -3.33 34.00 -9.76
N ALA B 64 -2.43 33.80 -10.73
CA ALA B 64 -2.54 34.38 -12.10
C ALA B 64 -3.90 34.06 -12.76
N ALA B 65 -4.45 32.85 -12.60
CA ALA B 65 -5.70 32.45 -13.27
C ALA B 65 -6.90 32.78 -12.38
N GLU B 66 -6.69 33.43 -11.24
CA GLU B 66 -7.80 33.95 -10.40
C GLU B 66 -8.66 32.78 -9.90
N LEU B 67 -8.03 31.66 -9.54
CA LEU B 67 -8.75 30.63 -8.76
C LEU B 67 -9.17 31.20 -7.41
N PRO B 68 -10.11 30.53 -6.71
CA PRO B 68 -10.36 30.84 -5.29
C PRO B 68 -9.06 30.58 -4.51
N ARG B 69 -8.94 31.04 -3.27
CA ARG B 69 -7.72 30.80 -2.45
C ARG B 69 -7.55 29.29 -2.26
N ILE B 70 -6.32 28.79 -2.26
CA ILE B 70 -6.03 27.37 -1.91
C ILE B 70 -6.49 27.18 -0.45
N ALA B 71 -7.12 26.04 -0.14
CA ALA B 71 -7.79 25.78 1.16
C ALA B 71 -6.76 25.39 2.22
N VAL B 72 -5.68 24.74 1.84
CA VAL B 72 -4.73 24.16 2.82
C VAL B 72 -3.41 24.91 2.73
N SER B 73 -2.79 25.13 3.87
CA SER B 73 -1.37 25.55 4.01
C SER B 73 -0.44 24.42 3.56
N ALA B 74 0.86 24.70 3.45
CA ALA B 74 1.86 23.67 3.14
C ALA B 74 1.83 22.59 4.25
N GLN B 75 1.74 22.97 5.51
CA GLN B 75 1.73 21.99 6.61
C GLN B 75 0.49 21.09 6.51
N GLN B 76 -0.66 21.68 6.23
CA GLN B 76 -1.96 20.98 6.12
C GLN B 76 -1.96 20.08 4.91
N GLY B 77 -1.41 20.58 3.81
CA GLY B 77 -1.25 19.77 2.57
C GLY B 77 -0.35 18.57 2.82
N LYS B 78 0.78 18.77 3.48
CA LYS B 78 1.69 17.67 3.78
C LYS B 78 1.04 16.69 4.78
N PHE B 79 0.21 17.18 5.69
CA PHE B 79 -0.65 16.29 6.54
C PHE B 79 -1.46 15.33 5.65
N LEU B 80 -2.10 15.83 4.59
CA LEU B 80 -2.95 14.98 3.72
C LEU B 80 -2.06 13.94 3.05
N CYS B 81 -0.86 14.34 2.61
CA CYS B 81 0.17 13.45 2.00
C CYS B 81 0.48 12.30 2.97
N LEU B 82 0.81 12.62 4.23
CA LEU B 82 1.25 11.64 5.26
C LEU B 82 0.07 10.74 5.67
N LEU B 83 -1.14 11.29 5.76
CA LEU B 83 -2.37 10.52 6.04
C LEU B 83 -2.57 9.44 4.94
N ALA B 84 -2.52 9.85 3.67
CA ALA B 84 -2.59 8.95 2.50
C ALA B 84 -1.53 7.86 2.63
N GLY B 85 -0.27 8.21 2.91
CA GLY B 85 0.77 7.21 3.11
C GLY B 85 0.51 6.31 4.30
N ALA B 86 0.09 6.88 5.44
CA ALA B 86 -0.16 6.12 6.68
C ALA B 86 -1.18 5.01 6.41
N ILE B 87 -2.27 5.31 5.69
CA ILE B 87 -3.38 4.31 5.46
C ILE B 87 -3.13 3.52 4.18
N GLN B 88 -2.00 3.73 3.47
CA GLN B 88 -1.68 3.08 2.15
C GLN B 88 -2.82 3.34 1.15
N ALA B 89 -3.32 4.57 1.05
CA ALA B 89 -4.37 4.96 0.09
C ALA B 89 -3.85 4.66 -1.33
N ARG B 90 -4.62 3.95 -2.12
CA ARG B 90 -4.31 3.66 -3.53
C ARG B 90 -5.34 4.40 -4.40
N ARG B 91 -6.55 4.65 -3.87
CA ARG B 91 -7.61 5.38 -4.60
C ARG B 91 -8.09 6.52 -3.73
N VAL B 92 -7.89 7.74 -4.21
CA VAL B 92 -8.24 8.99 -3.48
C VAL B 92 -9.28 9.76 -4.29
N LEU B 93 -10.32 10.24 -3.62
CA LEU B 93 -11.29 11.17 -4.22
C LEU B 93 -11.08 12.56 -3.62
N GLU B 94 -10.91 13.57 -4.47
CA GLU B 94 -10.83 15.00 -4.04
C GLU B 94 -12.00 15.74 -4.67
N ILE B 95 -12.82 16.39 -3.85
CA ILE B 95 -13.93 17.25 -4.30
C ILE B 95 -13.50 18.71 -4.11
N GLY B 96 -13.08 19.34 -5.20
CA GLY B 96 -12.59 20.73 -5.22
C GLY B 96 -11.10 20.74 -5.50
N THR B 97 -10.72 20.74 -6.77
CA THR B 97 -9.29 20.65 -7.19
C THR B 97 -8.53 21.90 -6.73
N LEU B 98 -9.15 23.08 -6.83
CA LEU B 98 -8.55 24.38 -6.43
C LEU B 98 -7.08 24.46 -6.85
N GLY B 99 -6.80 24.27 -8.14
CA GLY B 99 -5.46 24.51 -8.70
C GLY B 99 -4.53 23.33 -8.56
N GLY B 100 -4.91 22.34 -7.77
CA GLY B 100 -4.15 21.09 -7.64
C GLY B 100 -3.02 21.13 -6.61
N PHE B 101 -2.96 22.15 -5.72
CA PHE B 101 -1.95 22.18 -4.61
C PHE B 101 -2.21 20.96 -3.70
N SER B 102 -3.45 20.82 -3.24
CA SER B 102 -3.92 19.70 -2.39
C SER B 102 -3.74 18.38 -3.13
N THR B 103 -4.01 18.37 -4.42
CA THR B 103 -3.97 17.19 -5.31
C THR B 103 -2.55 16.69 -5.42
N ILE B 104 -1.58 17.59 -5.56
CA ILE B 104 -0.16 17.19 -5.66
C ILE B 104 0.20 16.45 -4.38
N TRP B 105 -0.14 17.03 -3.21
CA TRP B 105 0.14 16.39 -1.91
C TRP B 105 -0.51 14.99 -1.86
N LEU B 106 -1.79 14.87 -2.20
CA LEU B 106 -2.48 13.56 -2.16
C LEU B 106 -1.82 12.55 -3.12
N ALA B 107 -1.42 12.98 -4.33
CA ALA B 107 -0.81 12.10 -5.37
C ALA B 107 0.57 11.66 -4.91
N ARG B 108 1.32 12.55 -4.25
CA ARG B 108 2.62 12.18 -3.62
C ARG B 108 2.36 11.12 -2.56
N GLY B 109 1.31 11.27 -1.75
CA GLY B 109 1.04 10.36 -0.62
C GLY B 109 0.54 9.00 -1.10
N ALA B 110 -0.26 8.99 -2.17
CA ALA B 110 -0.83 7.76 -2.77
C ALA B 110 0.28 6.97 -3.48
N GLY B 111 1.41 7.61 -3.79
CA GLY B 111 2.64 6.90 -4.22
C GLY B 111 2.57 6.48 -5.70
N PRO B 112 3.66 5.84 -6.17
CA PRO B 112 3.80 5.41 -7.56
C PRO B 112 2.60 4.61 -8.12
N GLN B 113 1.98 3.78 -7.30
CA GLN B 113 0.88 2.88 -7.75
C GLN B 113 -0.48 3.56 -7.52
N GLY B 114 -0.53 4.71 -6.85
CA GLY B 114 -1.82 5.29 -6.43
C GLY B 114 -2.47 6.10 -7.52
N ARG B 115 -3.77 6.34 -7.40
CA ARG B 115 -4.59 7.12 -8.35
C ARG B 115 -5.41 8.12 -7.54
N VAL B 116 -5.47 9.37 -7.99
CA VAL B 116 -6.35 10.41 -7.39
C VAL B 116 -7.38 10.76 -8.46
N VAL B 117 -8.65 10.81 -8.08
CA VAL B 117 -9.72 11.42 -8.91
C VAL B 117 -10.10 12.75 -8.25
N THR B 118 -9.96 13.86 -8.96
CA THR B 118 -10.24 15.19 -8.40
C THR B 118 -11.32 15.86 -9.25
N LEU B 119 -12.34 16.43 -8.60
CA LEU B 119 -13.53 17.05 -9.25
C LEU B 119 -13.36 18.58 -9.25
N GLU B 120 -13.40 19.16 -10.43
CA GLU B 120 -13.33 20.63 -10.63
C GLU B 120 -14.54 21.07 -11.45
N TYR B 121 -15.20 22.15 -11.01
CA TYR B 121 -16.37 22.77 -11.67
C TYR B 121 -15.95 23.46 -12.99
N GLN B 122 -15.02 24.42 -12.95
CA GLN B 122 -14.66 25.34 -14.08
C GLN B 122 -13.61 24.70 -14.98
N PRO B 123 -13.86 24.58 -16.31
CA PRO B 123 -12.85 24.05 -17.24
C PRO B 123 -11.52 24.80 -17.25
N LYS B 124 -11.54 26.12 -17.08
CA LYS B 124 -10.30 26.97 -17.05
C LYS B 124 -9.50 26.56 -15.81
N HIS B 125 -10.17 26.39 -14.67
CA HIS B 125 -9.55 25.97 -13.37
C HIS B 125 -8.98 24.56 -13.53
N ALA B 126 -9.71 23.67 -14.19
CA ALA B 126 -9.29 22.29 -14.49
C ALA B 126 -7.98 22.32 -15.30
N GLU B 127 -7.89 23.22 -16.29
CA GLU B 127 -6.68 23.30 -17.15
C GLU B 127 -5.47 23.78 -16.33
N VAL B 128 -5.66 24.78 -15.47
CA VAL B 128 -4.59 25.25 -14.53
C VAL B 128 -4.09 24.05 -13.71
N ALA B 129 -5.02 23.26 -13.15
CA ALA B 129 -4.69 22.10 -12.28
C ALA B 129 -3.84 21.11 -13.10
N ARG B 130 -4.27 20.77 -14.32
CA ARG B 130 -3.55 19.78 -15.16
C ARG B 130 -2.09 20.21 -15.35
N VAL B 131 -1.85 21.47 -15.67
CA VAL B 131 -0.49 22.01 -15.93
C VAL B 131 0.31 21.94 -14.63
N ASN B 132 -0.28 22.36 -13.51
CA ASN B 132 0.38 22.27 -12.18
C ASN B 132 0.74 20.80 -11.87
N LEU B 133 -0.16 19.87 -12.14
CA LEU B 133 0.08 18.41 -11.91
C LEU B 133 1.22 17.89 -12.79
N GLN B 134 1.23 18.27 -14.08
CA GLN B 134 2.31 17.90 -15.05
C GLN B 134 3.65 18.45 -14.54
N ARG B 135 3.71 19.70 -14.09
CA ARG B 135 4.97 20.30 -13.61
C ARG B 135 5.44 19.57 -12.35
N ALA B 136 4.55 19.07 -11.51
CA ALA B 136 4.92 18.36 -10.27
C ALA B 136 5.21 16.88 -10.55
N GLY B 137 5.03 16.42 -11.78
CA GLY B 137 5.44 15.05 -12.17
C GLY B 137 4.49 13.98 -11.68
N VAL B 138 3.19 14.28 -11.51
CA VAL B 138 2.21 13.34 -10.91
C VAL B 138 0.95 13.30 -11.76
N ALA B 139 0.95 13.90 -12.95
CA ALA B 139 -0.23 13.93 -13.86
C ALA B 139 -0.66 12.50 -14.21
N ASP B 140 0.26 11.56 -14.27
CA ASP B 140 -0.04 10.13 -14.59
C ASP B 140 -0.82 9.47 -13.44
N ARG B 141 -0.78 10.02 -12.21
CA ARG B 141 -1.48 9.44 -11.03
C ARG B 141 -2.85 10.11 -10.87
N VAL B 142 -3.19 11.11 -11.66
CA VAL B 142 -4.34 12.00 -11.38
C VAL B 142 -5.25 12.07 -12.60
N GLU B 143 -6.56 11.94 -12.38
CA GLU B 143 -7.61 12.25 -13.38
C GLU B 143 -8.41 13.42 -12.83
N VAL B 144 -8.40 14.54 -13.54
CA VAL B 144 -9.26 15.71 -13.23
C VAL B 144 -10.57 15.51 -13.98
N VAL B 145 -11.68 15.49 -13.26
CA VAL B 145 -13.04 15.25 -13.83
C VAL B 145 -13.80 16.55 -13.73
N VAL B 146 -14.17 17.12 -14.88
CA VAL B 146 -14.72 18.50 -14.96
C VAL B 146 -16.25 18.43 -14.95
N GLY B 147 -16.89 19.35 -14.24
CA GLY B 147 -18.34 19.53 -14.24
C GLY B 147 -18.80 19.77 -12.81
N PRO B 148 -20.09 20.10 -12.58
CA PRO B 148 -20.59 20.19 -11.21
C PRO B 148 -20.48 18.82 -10.53
N ALA B 149 -19.97 18.82 -9.29
CA ALA B 149 -19.63 17.59 -8.53
C ALA B 149 -20.88 16.75 -8.30
N LEU B 150 -22.03 17.39 -8.05
CA LEU B 150 -23.33 16.69 -7.88
C LEU B 150 -23.75 15.92 -9.15
N ASP B 151 -23.30 16.32 -10.34
CA ASP B 151 -23.53 15.60 -11.62
C ASP B 151 -22.43 14.57 -11.90
N THR B 152 -21.17 14.82 -11.51
CA THR B 152 -20.03 13.91 -11.86
C THR B 152 -19.87 12.81 -10.81
N LEU B 153 -20.24 13.05 -9.53
CA LEU B 153 -20.10 12.04 -8.45
C LEU B 153 -20.83 10.73 -8.82
N PRO B 154 -22.12 10.78 -9.24
CA PRO B 154 -22.82 9.57 -9.63
C PRO B 154 -22.21 8.81 -10.82
N THR B 155 -21.32 9.44 -11.59
CA THR B 155 -20.75 8.86 -12.84
C THR B 155 -19.39 8.20 -12.57
N LEU B 156 -18.84 8.29 -11.35
CA LEU B 156 -17.52 7.68 -11.01
C LEU B 156 -17.65 6.16 -10.90
N ALA B 157 -16.78 5.40 -11.56
CA ALA B 157 -16.62 3.94 -11.35
C ALA B 157 -15.15 3.65 -10.95
N GLY B 158 -14.68 2.42 -11.14
CA GLY B 158 -13.31 1.98 -10.75
C GLY B 158 -13.30 1.37 -9.36
N GLY B 159 -14.30 1.69 -8.54
CA GLY B 159 -14.51 1.07 -7.22
C GLY B 159 -14.27 2.06 -6.10
N PRO B 160 -14.46 1.58 -4.86
CA PRO B 160 -14.51 2.43 -3.68
C PRO B 160 -13.18 3.10 -3.34
N PHE B 161 -13.27 4.28 -2.75
CA PHE B 161 -12.11 5.13 -2.40
C PHE B 161 -11.63 4.82 -0.98
N ASP B 162 -10.30 4.94 -0.78
CA ASP B 162 -9.65 4.80 0.55
C ASP B 162 -9.73 6.11 1.35
N LEU B 163 -9.76 7.24 0.66
CA LEU B 163 -9.56 8.57 1.26
C LEU B 163 -10.36 9.56 0.41
N VAL B 164 -11.15 10.38 1.06
CA VAL B 164 -11.94 11.42 0.38
C VAL B 164 -11.61 12.75 1.02
N PHE B 165 -11.25 13.74 0.21
CA PHE B 165 -10.88 15.09 0.70
C PHE B 165 -11.83 16.08 0.09
N ILE B 166 -12.50 16.88 0.92
CA ILE B 166 -13.56 17.82 0.47
C ILE B 166 -13.15 19.24 0.86
N ASP B 167 -12.91 20.12 -0.11
CA ASP B 167 -12.43 21.49 0.26
C ASP B 167 -12.99 22.54 -0.68
N ALA B 168 -14.12 22.32 -1.37
CA ALA B 168 -14.75 23.43 -2.12
C ALA B 168 -16.26 23.36 -1.93
N ASP B 169 -16.91 24.50 -2.17
CA ASP B 169 -18.38 24.61 -2.35
C ASP B 169 -19.06 24.06 -1.11
N LYS B 170 -18.85 24.69 0.05
CA LYS B 170 -19.30 24.11 1.35
C LYS B 170 -20.83 24.10 1.49
N GLU B 171 -21.56 24.91 0.70
CA GLU B 171 -23.04 24.92 0.69
C GLU B 171 -23.55 23.50 0.34
N ASN B 172 -22.77 22.71 -0.41
CA ASN B 172 -23.16 21.35 -0.90
C ASN B 172 -22.52 20.23 -0.07
N ASN B 173 -22.00 20.55 1.12
CA ASN B 173 -21.20 19.61 1.93
C ASN B 173 -22.05 18.41 2.36
N VAL B 174 -23.31 18.65 2.73
CA VAL B 174 -24.19 17.54 3.21
C VAL B 174 -24.27 16.49 2.08
N ALA B 175 -24.49 16.93 0.84
CA ALA B 175 -24.58 16.02 -0.32
C ALA B 175 -23.21 15.35 -0.55
N TYR B 176 -22.13 16.11 -0.45
CA TYR B 176 -20.76 15.59 -0.73
C TYR B 176 -20.40 14.49 0.27
N ILE B 177 -20.76 14.68 1.53
CA ILE B 177 -20.49 13.70 2.62
C ILE B 177 -21.32 12.43 2.36
N GLN B 178 -22.59 12.55 1.97
CA GLN B 178 -23.42 11.36 1.66
C GLN B 178 -22.78 10.61 0.48
N TRP B 179 -22.37 11.33 -0.56
CA TRP B 179 -21.67 10.71 -1.71
C TRP B 179 -20.34 10.10 -1.27
N ALA B 180 -19.58 10.78 -0.40
CA ALA B 180 -18.28 10.28 0.10
C ALA B 180 -18.48 8.91 0.77
N ILE B 181 -19.50 8.81 1.61
CA ILE B 181 -19.82 7.54 2.35
C ILE B 181 -20.13 6.46 1.31
N ARG B 182 -21.00 6.79 0.34
CA ARG B 182 -21.45 5.85 -0.69
C ARG B 182 -20.25 5.37 -1.52
N LEU B 183 -19.30 6.25 -1.82
CA LEU B 183 -18.18 5.91 -2.74
C LEU B 183 -16.97 5.36 -1.97
N ALA B 184 -17.00 5.36 -0.63
CA ALA B 184 -15.81 4.99 0.18
C ALA B 184 -15.97 3.57 0.72
N ARG B 185 -14.87 2.85 0.89
CA ARG B 185 -14.84 1.53 1.55
C ARG B 185 -15.08 1.72 3.06
N ARG B 186 -15.49 0.66 3.71
CA ARG B 186 -15.51 0.58 5.20
C ARG B 186 -14.08 0.84 5.69
N GLY B 187 -13.93 1.66 6.73
CA GLY B 187 -12.61 2.02 7.28
C GLY B 187 -11.92 3.14 6.51
N ALA B 188 -12.51 3.64 5.45
CA ALA B 188 -11.97 4.80 4.69
C ALA B 188 -11.95 6.06 5.59
N VAL B 189 -11.10 7.02 5.22
CA VAL B 189 -10.97 8.33 5.90
C VAL B 189 -11.65 9.38 5.04
N ILE B 190 -12.44 10.23 5.67
CA ILE B 190 -13.02 11.43 5.02
C ILE B 190 -12.49 12.65 5.75
N VAL B 191 -11.95 13.61 5.02
CA VAL B 191 -11.46 14.89 5.59
C VAL B 191 -12.22 16.02 4.94
N VAL B 192 -12.76 16.90 5.76
CA VAL B 192 -13.53 18.06 5.26
C VAL B 192 -12.81 19.30 5.74
N ASP B 193 -12.33 20.12 4.80
CA ASP B 193 -11.56 21.34 5.14
C ASP B 193 -12.50 22.50 5.50
N ASN B 194 -12.03 23.42 6.32
CA ASN B 194 -12.66 24.74 6.60
C ASN B 194 -14.05 24.55 7.23
N VAL B 195 -14.08 23.89 8.40
CA VAL B 195 -15.36 23.64 9.12
C VAL B 195 -15.48 24.57 10.32
N ILE B 196 -14.56 25.54 10.53
CA ILE B 196 -14.56 26.41 11.73
C ILE B 196 -14.82 27.89 11.36
N ARG B 197 -14.23 28.40 10.27
CA ARG B 197 -14.47 29.76 9.70
C ARG B 197 -14.25 30.84 10.77
N GLY B 198 -13.09 30.85 11.43
CA GLY B 198 -12.76 31.87 12.44
C GLY B 198 -13.78 31.92 13.58
N GLY B 199 -14.43 30.79 13.89
CA GLY B 199 -15.41 30.78 14.99
C GLY B 199 -16.79 31.23 14.56
N GLY B 200 -16.97 31.60 13.29
CA GLY B 200 -18.27 32.01 12.73
C GLY B 200 -19.36 30.96 12.91
N ILE B 201 -18.99 29.68 13.01
CA ILE B 201 -19.95 28.57 13.19
C ILE B 201 -20.72 28.73 14.51
N LEU B 202 -20.27 29.58 15.44
CA LEU B 202 -20.94 29.68 16.77
C LEU B 202 -22.08 30.70 16.76
N ALA B 203 -21.90 31.90 16.19
CA ALA B 203 -22.84 33.04 16.40
C ALA B 203 -23.26 33.76 15.11
N GLU B 204 -23.00 33.24 13.91
CA GLU B 204 -23.20 33.97 12.63
C GLU B 204 -24.25 33.29 11.74
N SER B 205 -25.50 33.25 12.22
CA SER B 205 -26.73 32.99 11.43
C SER B 205 -26.73 33.86 10.17
N ASP B 206 -26.26 35.11 10.27
CA ASP B 206 -26.13 36.06 9.13
C ASP B 206 -25.40 35.40 7.95
N ASP B 207 -24.32 34.64 8.19
CA ASP B 207 -23.35 34.17 7.16
C ASP B 207 -23.66 32.75 6.68
N ALA B 208 -24.02 32.59 5.40
CA ALA B 208 -24.41 31.30 4.78
C ALA B 208 -23.24 30.33 4.86
N ASP B 209 -22.04 30.87 4.73
CA ASP B 209 -20.77 30.12 4.73
C ASP B 209 -20.58 29.47 6.11
N ALA B 210 -20.73 30.26 7.16
CA ALA B 210 -20.56 29.83 8.56
C ALA B 210 -21.66 28.82 8.91
N VAL B 211 -22.88 29.06 8.44
CA VAL B 211 -24.04 28.16 8.65
C VAL B 211 -23.74 26.84 7.97
N ALA B 212 -23.26 26.84 6.73
CA ALA B 212 -22.94 25.61 5.98
C ALA B 212 -21.86 24.79 6.72
N ALA B 213 -20.84 25.42 7.29
CA ALA B 213 -19.76 24.72 8.04
C ALA B 213 -20.40 24.10 9.31
N ARG B 214 -21.24 24.88 10.00
CA ARG B 214 -21.94 24.42 11.23
C ARG B 214 -22.77 23.18 10.86
N ARG B 215 -23.49 23.23 9.75
CA ARG B 215 -24.38 22.13 9.28
C ARG B 215 -23.53 20.90 8.93
N THR B 216 -22.33 21.05 8.37
CA THR B 216 -21.52 19.87 8.02
C THR B 216 -21.04 19.20 9.31
N LEU B 217 -20.74 19.95 10.36
CA LEU B 217 -20.30 19.36 11.64
C LEU B 217 -21.47 18.58 12.27
N GLN B 218 -22.67 19.17 12.27
CA GLN B 218 -23.89 18.57 12.88
C GLN B 218 -24.18 17.26 12.15
N MET B 219 -24.04 17.25 10.84
CA MET B 219 -24.31 16.07 10.00
C MET B 219 -23.28 14.98 10.31
N MET B 220 -22.00 15.34 10.42
CA MET B 220 -20.92 14.35 10.64
C MET B 220 -21.08 13.75 12.04
N GLY B 221 -21.48 14.57 13.02
CA GLY B 221 -21.67 14.10 14.40
C GLY B 221 -22.84 13.13 14.54
N GLU B 222 -23.90 13.31 13.77
CA GLU B 222 -25.18 12.58 13.97
C GLU B 222 -25.31 11.43 12.97
N HIS B 223 -24.42 11.31 12.00
CA HIS B 223 -24.49 10.23 10.98
C HIS B 223 -23.97 8.93 11.58
N PRO B 224 -24.83 7.88 11.67
CA PRO B 224 -24.42 6.63 12.28
C PRO B 224 -23.41 5.85 11.42
N GLY B 225 -23.20 6.23 10.16
CA GLY B 225 -22.19 5.60 9.27
C GLY B 225 -20.77 6.18 9.46
N LEU B 226 -20.62 7.22 10.29
CA LEU B 226 -19.33 7.95 10.50
C LEU B 226 -18.95 7.97 11.97
N ASP B 227 -17.65 8.01 12.26
CA ASP B 227 -17.13 8.47 13.56
C ASP B 227 -16.15 9.62 13.28
N ALA B 228 -16.37 10.79 13.90
CA ALA B 228 -15.80 12.07 13.44
C ALA B 228 -15.22 12.89 14.60
N THR B 229 -14.17 13.65 14.29
CA THR B 229 -13.56 14.68 15.15
C THR B 229 -13.32 15.92 14.28
N ALA B 230 -13.04 17.04 14.92
CA ALA B 230 -12.71 18.32 14.23
C ALA B 230 -11.54 18.98 14.96
N ILE B 231 -10.47 19.25 14.23
CA ILE B 231 -9.23 19.90 14.75
C ILE B 231 -9.24 21.37 14.30
N GLN B 232 -9.33 22.30 15.25
CA GLN B 232 -9.18 23.74 14.95
C GLN B 232 -7.70 24.02 14.65
N THR B 233 -7.41 24.76 13.59
CA THR B 233 -6.05 25.05 13.10
C THR B 233 -5.83 26.56 12.99
N VAL B 234 -4.58 26.98 13.11
CA VAL B 234 -4.14 28.35 12.82
C VAL B 234 -2.87 28.22 11.99
N GLY B 235 -2.49 29.32 11.36
CA GLY B 235 -1.29 29.38 10.55
C GLY B 235 -1.47 30.37 9.43
N ARG B 236 -0.90 30.10 8.27
CA ARG B 236 -0.91 31.06 7.15
C ARG B 236 -2.32 31.12 6.56
N LYS B 237 -3.23 30.18 6.84
CA LYS B 237 -4.61 30.25 6.30
C LYS B 237 -5.58 30.80 7.34
N GLY B 238 -5.09 31.31 8.47
CA GLY B 238 -5.95 31.88 9.51
C GLY B 238 -6.53 30.81 10.43
N TRP B 239 -7.42 31.23 11.32
CA TRP B 239 -8.15 30.37 12.28
C TRP B 239 -9.28 29.62 11.55
N ASP B 240 -9.12 28.33 11.35
CA ASP B 240 -10.15 27.50 10.71
C ASP B 240 -10.01 26.08 11.29
N GLY B 241 -10.24 25.06 10.50
CA GLY B 241 -10.10 23.68 11.01
C GLY B 241 -10.60 22.69 10.01
N PHE B 242 -10.42 21.40 10.31
CA PHE B 242 -10.85 20.31 9.43
C PHE B 242 -11.57 19.26 10.28
N ALA B 243 -12.57 18.61 9.69
CA ALA B 243 -13.19 17.39 10.24
C ALA B 243 -12.48 16.20 9.62
N LEU B 244 -12.31 15.16 10.40
CA LEU B 244 -11.78 13.88 9.94
C LEU B 244 -12.74 12.81 10.47
N ALA B 245 -13.16 11.90 9.61
CA ALA B 245 -14.10 10.82 9.97
C ALA B 245 -13.57 9.49 9.43
N LEU B 246 -13.86 8.41 10.16
CA LEU B 246 -13.81 7.02 9.67
C LEU B 246 -15.21 6.61 9.21
N VAL B 247 -15.27 5.93 8.08
CA VAL B 247 -16.51 5.27 7.56
C VAL B 247 -16.68 3.96 8.32
N ARG B 248 -17.79 3.76 9.01
CA ARG B 248 -17.98 2.54 9.84
C ARG B 248 -18.34 1.34 8.94
N GLN C 34 -0.56 -38.95 -25.16
CA GLN C 34 0.04 -38.40 -23.91
C GLN C 34 0.16 -36.89 -24.06
N PRO C 35 -0.78 -36.05 -23.57
CA PRO C 35 -0.60 -34.59 -23.62
C PRO C 35 0.72 -34.11 -22.99
N ASN C 36 1.41 -33.19 -23.66
CA ASN C 36 2.73 -32.65 -23.23
C ASN C 36 2.62 -31.14 -23.08
N PRO C 37 3.62 -30.45 -22.47
CA PRO C 37 3.54 -29.00 -22.23
C PRO C 37 3.45 -28.10 -23.47
N PRO C 38 4.14 -28.38 -24.60
CA PRO C 38 3.94 -27.62 -25.83
C PRO C 38 2.48 -27.68 -26.30
N ASP C 39 1.80 -28.83 -26.22
CA ASP C 39 0.37 -28.96 -26.65
C ASP C 39 -0.51 -28.12 -25.71
N VAL C 40 -0.30 -28.21 -24.40
CA VAL C 40 -1.05 -27.40 -23.42
C VAL C 40 -0.85 -25.92 -23.78
N ASP C 41 0.36 -25.50 -24.14
CA ASP C 41 0.66 -24.07 -24.43
C ASP C 41 -0.11 -23.63 -25.68
N ALA C 42 -0.26 -24.47 -26.70
CA ALA C 42 -1.02 -24.10 -27.92
C ALA C 42 -2.49 -23.85 -27.53
N PHE C 43 -3.04 -24.69 -26.64
CA PHE C 43 -4.41 -24.47 -26.07
C PHE C 43 -4.45 -23.16 -25.26
N LEU C 44 -3.46 -22.91 -24.39
CA LEU C 44 -3.42 -21.68 -23.55
C LEU C 44 -3.31 -20.45 -24.46
N ASP C 45 -2.53 -20.53 -25.56
CA ASP C 45 -2.27 -19.40 -26.46
C ASP C 45 -3.58 -19.04 -27.19
N SER C 46 -4.24 -20.04 -27.75
CA SER C 46 -5.55 -19.91 -28.42
C SER C 46 -6.59 -19.30 -27.45
N THR C 47 -6.68 -19.81 -26.23
CA THR C 47 -7.72 -19.44 -25.23
C THR C 47 -7.46 -18.06 -24.63
N LEU C 48 -6.21 -17.70 -24.28
CA LEU C 48 -5.93 -16.54 -23.41
C LEU C 48 -5.23 -15.42 -24.15
N VAL C 49 -4.57 -15.71 -25.26
CA VAL C 49 -3.82 -14.69 -26.05
C VAL C 49 -4.54 -14.46 -27.37
N GLY C 50 -4.84 -15.52 -28.13
CA GLY C 50 -5.54 -15.43 -29.43
C GLY C 50 -4.61 -14.91 -30.50
N ASP C 51 -5.17 -14.51 -31.63
CA ASP C 51 -4.41 -14.01 -32.80
C ASP C 51 -3.79 -12.68 -32.42
N ASP C 52 -2.48 -12.55 -32.60
CA ASP C 52 -1.74 -11.31 -32.31
C ASP C 52 -0.74 -11.11 -33.45
N PRO C 53 -1.20 -10.54 -34.59
CA PRO C 53 -0.35 -10.42 -35.78
C PRO C 53 0.97 -9.70 -35.51
N ALA C 54 0.98 -8.64 -34.69
CA ALA C 54 2.20 -7.88 -34.41
C ALA C 54 3.25 -8.80 -33.75
N LEU C 55 2.83 -9.66 -32.82
CA LEU C 55 3.76 -10.59 -32.12
C LEU C 55 4.23 -11.66 -33.12
N ALA C 56 3.32 -12.23 -33.91
CA ALA C 56 3.64 -13.26 -34.93
C ALA C 56 4.72 -12.70 -35.86
N ALA C 57 4.53 -11.47 -36.34
CA ALA C 57 5.47 -10.79 -37.27
C ALA C 57 6.81 -10.58 -36.58
N ALA C 58 6.83 -10.21 -35.30
CA ALA C 58 8.10 -10.00 -34.57
C ALA C 58 8.88 -11.31 -34.50
N LEU C 59 8.20 -12.43 -34.22
CA LEU C 59 8.88 -13.76 -34.12
C LEU C 59 9.42 -14.17 -35.51
N ALA C 60 8.65 -14.00 -36.58
CA ALA C 60 9.09 -14.33 -37.97
C ALA C 60 10.31 -13.48 -38.34
N ALA C 61 10.24 -12.16 -38.14
CA ALA C 61 11.35 -11.26 -38.48
C ALA C 61 12.59 -11.61 -37.67
N SER C 62 12.44 -12.01 -36.40
CA SER C 62 13.58 -12.39 -35.54
C SER C 62 14.24 -13.67 -36.08
N ASP C 63 13.43 -14.60 -36.57
CA ASP C 63 13.96 -15.85 -37.16
C ASP C 63 14.72 -15.53 -38.46
N ALA C 64 14.12 -14.78 -39.37
CA ALA C 64 14.73 -14.32 -40.65
C ALA C 64 16.07 -13.60 -40.42
N ALA C 65 16.21 -12.77 -39.39
CA ALA C 65 17.45 -11.99 -39.15
C ALA C 65 18.40 -12.79 -38.25
N GLU C 66 18.08 -14.04 -37.94
CA GLU C 66 19.00 -14.93 -37.21
C GLU C 66 19.33 -14.37 -35.82
N LEU C 67 18.36 -13.76 -35.13
CA LEU C 67 18.53 -13.47 -33.69
C LEU C 67 18.62 -14.78 -32.91
N PRO C 68 19.07 -14.71 -31.64
CA PRO C 68 18.98 -15.87 -30.74
C PRO C 68 17.47 -16.17 -30.54
N ARG C 69 17.13 -17.29 -29.95
CA ARG C 69 15.72 -17.67 -29.64
C ARG C 69 15.12 -16.62 -28.70
N ILE C 70 13.85 -16.29 -28.87
CA ILE C 70 13.10 -15.45 -27.88
C ILE C 70 13.05 -16.27 -26.57
N ALA C 71 13.22 -15.60 -25.44
CA ALA C 71 13.38 -16.24 -24.11
C ALA C 71 12.02 -16.65 -23.52
N VAL C 72 10.96 -15.91 -23.83
CA VAL C 72 9.65 -16.14 -23.15
C VAL C 72 8.65 -16.66 -24.18
N SER C 73 7.78 -17.58 -23.75
CA SER C 73 6.54 -17.99 -24.45
C SER C 73 5.53 -16.83 -24.48
N ALA C 74 4.45 -16.97 -25.25
CA ALA C 74 3.33 -16.00 -25.24
C ALA C 74 2.75 -15.90 -23.82
N GLN C 75 2.57 -17.01 -23.13
CA GLN C 75 1.98 -16.97 -21.75
C GLN C 75 2.92 -16.20 -20.81
N GLN C 76 4.22 -16.45 -20.92
CA GLN C 76 5.24 -15.83 -20.03
C GLN C 76 5.36 -14.34 -20.37
N GLY C 77 5.32 -14.02 -21.66
CA GLY C 77 5.32 -12.63 -22.11
C GLY C 77 4.11 -11.88 -21.60
N LYS C 78 2.93 -12.48 -21.72
CA LYS C 78 1.70 -11.84 -21.21
C LYS C 78 1.77 -11.71 -19.69
N PHE C 79 2.41 -12.64 -18.99
CA PHE C 79 2.71 -12.49 -17.54
C PHE C 79 3.45 -11.17 -17.28
N LEU C 80 4.48 -10.86 -18.06
CA LEU C 80 5.28 -9.63 -17.89
C LEU C 80 4.38 -8.41 -18.09
N CYS C 81 3.50 -8.48 -19.08
CA CYS C 81 2.50 -7.42 -19.39
C CYS C 81 1.61 -7.17 -18.16
N LEU C 82 1.04 -8.24 -17.59
CA LEU C 82 0.09 -8.17 -16.45
C LEU C 82 0.82 -7.70 -15.17
N LEU C 83 2.06 -8.13 -14.98
CA LEU C 83 2.90 -7.70 -13.83
C LEU C 83 3.10 -6.18 -13.89
N ALA C 84 3.53 -5.69 -15.05
CA ALA C 84 3.72 -4.25 -15.31
C ALA C 84 2.42 -3.51 -15.00
N GLY C 85 1.28 -3.99 -15.53
CA GLY C 85 -0.03 -3.38 -15.25
C GLY C 85 -0.39 -3.43 -13.77
N ALA C 86 -0.18 -4.56 -13.12
CA ALA C 86 -0.53 -4.77 -11.70
C ALA C 86 0.19 -3.71 -10.85
N ILE C 87 1.48 -3.49 -11.07
CA ILE C 87 2.27 -2.54 -10.21
C ILE C 87 2.21 -1.12 -10.77
N GLN C 88 1.47 -0.88 -11.86
CA GLN C 88 1.35 0.45 -12.53
C GLN C 88 2.74 0.95 -12.97
N ALA C 89 3.59 0.07 -13.50
CA ALA C 89 4.97 0.38 -13.94
C ALA C 89 4.90 1.50 -14.98
N ARG C 90 5.71 2.52 -14.79
CA ARG C 90 5.80 3.68 -15.70
C ARG C 90 7.18 3.71 -16.29
N ARG C 91 8.18 3.17 -15.59
CA ARG C 91 9.58 3.04 -16.09
C ARG C 91 10.00 1.59 -15.98
N VAL C 92 10.29 0.97 -17.11
CA VAL C 92 10.69 -0.45 -17.22
C VAL C 92 12.08 -0.52 -17.86
N LEU C 93 12.97 -1.32 -17.27
CA LEU C 93 14.30 -1.61 -17.86
C LEU C 93 14.28 -3.06 -18.34
N GLU C 94 14.64 -3.28 -19.60
CA GLU C 94 14.83 -4.65 -20.15
C GLU C 94 16.31 -4.79 -20.57
N ILE C 95 16.98 -5.80 -20.06
CA ILE C 95 18.35 -6.16 -20.48
C ILE C 95 18.26 -7.40 -21.38
N GLY C 96 18.34 -7.17 -22.69
CA GLY C 96 18.31 -8.25 -23.71
C GLY C 96 17.03 -8.12 -24.53
N THR C 97 17.05 -7.26 -25.56
CA THR C 97 15.84 -6.95 -26.36
C THR C 97 15.34 -8.20 -27.09
N LEU C 98 16.25 -9.03 -27.63
CA LEU C 98 15.92 -10.27 -28.39
C LEU C 98 14.74 -10.05 -29.31
N GLY C 99 14.79 -9.05 -30.18
CA GLY C 99 13.77 -8.89 -31.23
C GLY C 99 12.57 -8.08 -30.78
N GLY C 100 12.39 -7.88 -29.47
CA GLY C 100 11.36 -6.99 -28.92
C GLY C 100 10.02 -7.66 -28.70
N PHE C 101 9.94 -9.00 -28.75
CA PHE C 101 8.75 -9.78 -28.32
C PHE C 101 8.41 -9.45 -26.85
N SER C 102 9.38 -9.60 -25.96
CA SER C 102 9.26 -9.33 -24.51
C SER C 102 8.95 -7.83 -24.30
N THR C 103 9.58 -7.00 -25.12
CA THR C 103 9.49 -5.53 -25.04
C THR C 103 8.06 -5.10 -25.38
N ILE C 104 7.47 -5.72 -26.40
CA ILE C 104 6.09 -5.34 -26.80
C ILE C 104 5.16 -5.62 -25.62
N TRP C 105 5.28 -6.81 -25.00
CA TRP C 105 4.48 -7.17 -23.81
C TRP C 105 4.69 -6.13 -22.70
N LEU C 106 5.93 -5.79 -22.35
CA LEU C 106 6.23 -4.80 -21.29
C LEU C 106 5.64 -3.43 -21.62
N ALA C 107 5.76 -2.97 -22.88
CA ALA C 107 5.27 -1.65 -23.34
C ALA C 107 3.74 -1.63 -23.30
N ARG C 108 3.10 -2.73 -23.66
CA ARG C 108 1.61 -2.82 -23.54
C ARG C 108 1.25 -2.71 -22.05
N GLY C 109 2.01 -3.34 -21.15
CA GLY C 109 1.67 -3.36 -19.72
C GLY C 109 1.93 -2.00 -19.07
N ALA C 110 2.99 -1.31 -19.48
CA ALA C 110 3.38 0.02 -18.97
C ALA C 110 2.38 1.08 -19.48
N GLY C 111 1.62 0.78 -20.52
CA GLY C 111 0.51 1.64 -20.98
C GLY C 111 0.99 2.89 -21.72
N PRO C 112 0.05 3.73 -22.23
CA PRO C 112 0.40 4.87 -23.09
C PRO C 112 1.40 5.85 -22.47
N GLN C 113 1.36 6.00 -21.14
CA GLN C 113 2.21 6.94 -20.35
C GLN C 113 3.50 6.26 -19.92
N GLY C 114 3.66 4.95 -20.15
CA GLY C 114 4.86 4.22 -19.69
C GLY C 114 6.02 4.41 -20.64
N ARG C 115 7.24 4.24 -20.14
CA ARG C 115 8.48 4.23 -20.96
C ARG C 115 9.22 2.94 -20.67
N VAL C 116 9.66 2.24 -21.72
CA VAL C 116 10.54 1.06 -21.58
C VAL C 116 11.91 1.46 -22.14
N VAL C 117 12.97 1.15 -21.40
CA VAL C 117 14.37 1.22 -21.91
C VAL C 117 14.87 -0.21 -22.07
N THR C 118 15.22 -0.60 -23.28
CA THR C 118 15.64 -1.99 -23.58
C THR C 118 17.05 -1.96 -24.16
N LEU C 119 17.95 -2.80 -23.64
CA LEU C 119 19.39 -2.84 -24.00
C LEU C 119 19.64 -4.00 -24.98
N GLU C 120 20.19 -3.69 -26.14
CA GLU C 120 20.58 -4.68 -27.16
C GLU C 120 22.05 -4.47 -27.50
N TYR C 121 22.81 -5.56 -27.58
CA TYR C 121 24.24 -5.57 -27.96
C TYR C 121 24.42 -5.25 -29.45
N GLN C 122 23.81 -6.02 -30.37
CA GLN C 122 24.07 -5.98 -31.85
C GLN C 122 23.20 -4.92 -32.53
N PRO C 123 23.80 -3.97 -33.28
CA PRO C 123 22.99 -2.99 -34.04
C PRO C 123 21.97 -3.58 -35.02
N LYS C 124 22.30 -4.71 -35.67
CA LYS C 124 21.39 -5.38 -36.64
C LYS C 124 20.17 -5.89 -35.86
N HIS C 125 20.41 -6.48 -34.68
CA HIS C 125 19.35 -7.02 -33.78
C HIS C 125 18.48 -5.85 -33.27
N ALA C 126 19.13 -4.73 -32.92
CA ALA C 126 18.45 -3.51 -32.47
C ALA C 126 17.51 -3.02 -33.57
N GLU C 127 17.95 -3.06 -34.84
CA GLU C 127 17.12 -2.54 -35.96
C GLU C 127 15.88 -3.45 -36.14
N VAL C 128 16.05 -4.76 -36.06
CA VAL C 128 14.90 -5.70 -36.10
C VAL C 128 13.91 -5.33 -34.99
N ALA C 129 14.38 -5.14 -33.77
CA ALA C 129 13.54 -4.77 -32.61
C ALA C 129 12.73 -3.49 -32.91
N ARG C 130 13.40 -2.44 -33.40
CA ARG C 130 12.71 -1.15 -33.67
C ARG C 130 11.56 -1.34 -34.66
N VAL C 131 11.78 -2.12 -35.72
CA VAL C 131 10.75 -2.37 -36.76
C VAL C 131 9.61 -3.15 -36.12
N ASN C 132 9.92 -4.19 -35.34
CA ASN C 132 8.89 -4.99 -34.63
C ASN C 132 8.09 -4.07 -33.69
N LEU C 133 8.75 -3.16 -32.97
CA LEU C 133 8.08 -2.21 -32.03
C LEU C 133 7.18 -1.23 -32.79
N GLN C 134 7.65 -0.69 -33.93
CA GLN C 134 6.84 0.20 -34.81
C GLN C 134 5.61 -0.57 -35.29
N ARG C 135 5.77 -1.82 -35.77
CA ARG C 135 4.62 -2.62 -36.29
C ARG C 135 3.62 -2.88 -35.16
N ALA C 136 4.06 -3.04 -33.91
CA ALA C 136 3.15 -3.31 -32.78
C ALA C 136 2.57 -2.00 -32.22
N GLY C 137 2.96 -0.85 -32.74
CA GLY C 137 2.34 0.44 -32.36
C GLY C 137 2.78 0.94 -30.99
N VAL C 138 4.01 0.63 -30.56
CA VAL C 138 4.49 0.97 -29.18
C VAL C 138 5.88 1.60 -29.25
N ALA C 139 6.36 1.92 -30.45
CA ALA C 139 7.70 2.49 -30.68
C ALA C 139 7.88 3.77 -29.87
N ASP C 140 6.81 4.55 -29.70
CA ASP C 140 6.88 5.85 -28.97
C ASP C 140 7.09 5.62 -27.47
N ARG C 141 6.82 4.42 -26.96
CA ARG C 141 6.93 4.11 -25.50
C ARG C 141 8.29 3.48 -25.22
N VAL C 142 9.09 3.18 -26.25
CA VAL C 142 10.29 2.32 -26.11
C VAL C 142 11.50 3.06 -26.67
N GLU C 143 12.60 3.02 -25.94
CA GLU C 143 13.93 3.46 -26.41
C GLU C 143 14.82 2.21 -26.40
N VAL C 144 15.29 1.82 -27.57
CA VAL C 144 16.29 0.72 -27.71
C VAL C 144 17.67 1.37 -27.60
N VAL C 145 18.48 0.91 -26.67
CA VAL C 145 19.81 1.49 -26.35
C VAL C 145 20.84 0.46 -26.73
N VAL C 146 21.66 0.77 -27.73
CA VAL C 146 22.54 -0.22 -28.40
C VAL C 146 23.92 -0.15 -27.76
N GLY C 147 24.55 -1.30 -27.56
CA GLY C 147 25.95 -1.40 -27.08
C GLY C 147 26.00 -2.50 -26.04
N PRO C 148 27.20 -2.89 -25.55
CA PRO C 148 27.29 -3.82 -24.43
C PRO C 148 26.61 -3.17 -23.20
N ALA C 149 25.77 -3.95 -22.52
CA ALA C 149 24.93 -3.52 -21.38
C ALA C 149 25.84 -3.03 -20.23
N LEU C 150 26.98 -3.68 -20.01
CA LEU C 150 27.95 -3.25 -18.98
C LEU C 150 28.54 -1.86 -19.27
N ASP C 151 28.55 -1.39 -20.51
CA ASP C 151 28.96 0.00 -20.88
C ASP C 151 27.76 0.96 -20.87
N THR C 152 26.55 0.53 -21.23
CA THR C 152 25.39 1.44 -21.36
C THR C 152 24.66 1.58 -20.01
N LEU C 153 24.68 0.56 -19.13
CA LEU C 153 23.94 0.61 -17.82
C LEU C 153 24.40 1.81 -16.99
N PRO C 154 25.72 2.06 -16.80
CA PRO C 154 26.17 3.24 -16.06
C PRO C 154 25.71 4.59 -16.65
N THR C 155 25.28 4.63 -17.91
CA THR C 155 24.94 5.89 -18.64
C THR C 155 23.44 6.16 -18.59
N LEU C 156 22.61 5.26 -18.04
CA LEU C 156 21.12 5.37 -18.11
C LEU C 156 20.66 6.39 -17.06
N ALA C 157 19.82 7.34 -17.44
CA ALA C 157 19.12 8.25 -16.50
C ALA C 157 17.60 8.16 -16.70
N GLY C 158 17.08 7.04 -17.26
CA GLY C 158 15.65 6.80 -17.53
C GLY C 158 14.88 6.31 -16.32
N GLY C 159 15.52 6.22 -15.14
CA GLY C 159 15.03 5.62 -13.89
C GLY C 159 14.51 6.66 -12.90
N PRO C 160 14.23 6.29 -11.62
CA PRO C 160 14.36 4.91 -11.16
C PRO C 160 13.33 3.98 -11.83
N PHE C 161 13.70 2.74 -12.02
CA PHE C 161 12.82 1.73 -12.69
C PHE C 161 11.88 1.05 -11.69
N ASP C 162 10.63 0.84 -12.10
CA ASP C 162 9.58 0.11 -11.35
C ASP C 162 9.73 -1.40 -11.57
N LEU C 163 10.24 -1.81 -12.72
CA LEU C 163 10.33 -3.23 -13.13
C LEU C 163 11.58 -3.39 -13.98
N VAL C 164 12.38 -4.41 -13.68
CA VAL C 164 13.54 -4.76 -14.51
C VAL C 164 13.36 -6.20 -14.99
N PHE C 165 13.52 -6.45 -16.27
CA PHE C 165 13.45 -7.80 -16.87
C PHE C 165 14.79 -8.12 -17.49
N ILE C 166 15.37 -9.27 -17.13
CA ILE C 166 16.73 -9.65 -17.60
C ILE C 166 16.60 -10.98 -18.34
N ASP C 167 16.91 -11.03 -19.64
CA ASP C 167 16.73 -12.30 -20.38
C ASP C 167 17.80 -12.50 -21.44
N ALA C 168 18.96 -11.88 -21.34
CA ALA C 168 20.08 -12.26 -22.25
C ALA C 168 21.38 -12.26 -21.48
N ASP C 169 22.37 -12.95 -22.03
CA ASP C 169 23.80 -12.88 -21.62
C ASP C 169 23.90 -13.21 -20.13
N LYS C 170 23.53 -14.43 -19.77
CA LYS C 170 23.52 -14.99 -18.39
C LYS C 170 24.87 -14.88 -17.68
N GLU C 171 25.97 -14.96 -18.44
CA GLU C 171 27.35 -14.93 -17.89
C GLU C 171 27.52 -13.64 -17.07
N ASN C 172 26.79 -12.56 -17.42
CA ASN C 172 26.93 -11.21 -16.80
C ASN C 172 25.78 -10.91 -15.82
N ASN C 173 25.05 -11.94 -15.37
CA ASN C 173 23.83 -11.77 -14.55
C ASN C 173 24.16 -11.12 -13.21
N VAL C 174 25.28 -11.48 -12.58
CA VAL C 174 25.65 -10.91 -11.25
C VAL C 174 25.73 -9.40 -11.42
N ALA C 175 26.40 -8.92 -12.47
CA ALA C 175 26.56 -7.48 -12.70
C ALA C 175 25.20 -6.87 -13.03
N TYR C 176 24.38 -7.55 -13.82
CA TYR C 176 23.08 -6.99 -14.28
C TYR C 176 22.15 -6.81 -13.09
N ILE C 177 22.15 -7.76 -12.18
CA ILE C 177 21.30 -7.72 -10.95
C ILE C 177 21.77 -6.58 -10.06
N GLN C 178 23.09 -6.39 -9.88
CA GLN C 178 23.61 -5.26 -9.06
C GLN C 178 23.19 -3.95 -9.71
N TRP C 179 23.34 -3.83 -11.04
CA TRP C 179 22.88 -2.61 -11.76
C TRP C 179 21.37 -2.44 -11.64
N ALA C 180 20.60 -3.53 -11.71
CA ALA C 180 19.12 -3.49 -11.58
C ALA C 180 18.75 -2.85 -10.24
N ILE C 181 19.38 -3.31 -9.16
CA ILE C 181 19.13 -2.78 -7.77
C ILE C 181 19.47 -1.29 -7.75
N ARG C 182 20.63 -0.92 -8.30
CA ARG C 182 21.13 0.48 -8.31
C ARG C 182 20.13 1.35 -9.07
N LEU C 183 19.56 0.88 -10.18
CA LEU C 183 18.71 1.72 -11.07
C LEU C 183 17.23 1.63 -10.68
N ALA C 184 16.87 0.75 -9.74
CA ALA C 184 15.45 0.47 -9.41
C ALA C 184 15.06 1.22 -8.13
N ARG C 185 13.78 1.59 -8.01
CA ARG C 185 13.20 2.09 -6.75
C ARG C 185 13.07 0.94 -5.75
N ARG C 186 12.96 1.31 -4.48
CA ARG C 186 12.58 0.40 -3.39
C ARG C 186 11.21 -0.19 -3.76
N GLY C 187 11.04 -1.49 -3.56
CA GLY C 187 9.75 -2.16 -3.86
C GLY C 187 9.63 -2.53 -5.33
N ALA C 188 10.62 -2.21 -6.16
CA ALA C 188 10.64 -2.59 -7.59
C ALA C 188 10.71 -4.11 -7.70
N VAL C 189 10.26 -4.62 -8.84
CA VAL C 189 10.28 -6.07 -9.17
C VAL C 189 11.43 -6.29 -10.16
N ILE C 190 12.21 -7.31 -9.91
CA ILE C 190 13.23 -7.80 -10.89
C ILE C 190 12.81 -9.21 -11.28
N VAL C 191 12.80 -9.46 -12.58
CA VAL C 191 12.51 -10.83 -13.10
C VAL C 191 13.72 -11.24 -13.92
N VAL C 192 14.23 -12.42 -13.64
CA VAL C 192 15.38 -12.97 -14.39
C VAL C 192 14.89 -14.23 -15.07
N ASP C 193 14.94 -14.25 -16.40
CA ASP C 193 14.49 -15.41 -17.20
C ASP C 193 15.55 -16.50 -17.27
N ASN C 194 15.13 -17.73 -17.44
CA ASN C 194 15.97 -18.91 -17.79
C ASN C 194 16.99 -19.17 -16.69
N VAL C 195 16.53 -19.44 -15.47
CA VAL C 195 17.42 -19.71 -14.32
C VAL C 195 17.43 -21.21 -13.99
N ILE C 196 16.78 -22.07 -14.77
CA ILE C 196 16.67 -23.54 -14.45
C ILE C 196 17.40 -24.40 -15.50
N ARG C 197 17.32 -24.06 -16.80
CA ARG C 197 18.11 -24.70 -17.90
C ARG C 197 17.86 -26.21 -17.95
N GLY C 198 16.60 -26.67 -17.98
CA GLY C 198 16.26 -28.10 -18.02
C GLY C 198 16.87 -28.89 -16.87
N GLY C 199 17.09 -28.27 -15.71
CA GLY C 199 17.66 -29.00 -14.56
C GLY C 199 19.18 -29.02 -14.59
N GLY C 200 19.80 -28.43 -15.61
CA GLY C 200 21.27 -28.33 -15.75
C GLY C 200 21.93 -27.67 -14.56
N ILE C 201 21.21 -26.79 -13.86
CA ILE C 201 21.78 -26.04 -12.69
C ILE C 201 22.15 -27.03 -11.58
N LEU C 202 21.73 -28.28 -11.60
CA LEU C 202 22.00 -29.23 -10.48
C LEU C 202 23.36 -29.92 -10.63
N ALA C 203 23.68 -30.49 -11.81
CA ALA C 203 24.77 -31.50 -11.95
C ALA C 203 25.70 -31.22 -13.14
N GLU C 204 25.65 -30.04 -13.78
CA GLU C 204 26.42 -29.76 -15.02
C GLU C 204 27.45 -28.65 -14.81
N SER C 205 28.45 -28.92 -13.98
CA SER C 205 29.73 -28.16 -13.88
C SER C 205 30.34 -27.99 -15.28
N ASP C 206 30.22 -29.01 -16.15
CA ASP C 206 30.66 -28.98 -17.56
C ASP C 206 30.15 -27.70 -18.26
N ASP C 207 28.88 -27.30 -18.06
CA ASP C 207 28.17 -26.28 -18.88
C ASP C 207 28.23 -24.89 -18.24
N ALA C 208 28.88 -23.93 -18.88
CA ALA C 208 29.08 -22.54 -18.39
C ALA C 208 27.72 -21.87 -18.22
N ASP C 209 26.81 -22.20 -19.11
CA ASP C 209 25.45 -21.62 -19.16
C ASP C 209 24.69 -22.05 -17.89
N ALA C 210 24.74 -23.34 -17.58
CA ALA C 210 24.04 -23.95 -16.43
C ALA C 210 24.66 -23.39 -15.14
N VAL C 211 25.98 -23.27 -15.13
CA VAL C 211 26.74 -22.74 -13.97
C VAL C 211 26.33 -21.29 -13.77
N ALA C 212 26.25 -20.48 -14.81
CA ALA C 212 25.87 -19.06 -14.71
C ALA C 212 24.46 -18.93 -14.11
N ALA C 213 23.49 -19.78 -14.53
CA ALA C 213 22.11 -19.73 -13.98
C ALA C 213 22.15 -20.11 -12.49
N ARG C 214 22.92 -21.16 -12.15
CA ARG C 214 23.06 -21.65 -10.77
C ARG C 214 23.61 -20.51 -9.92
N ARG C 215 24.62 -19.81 -10.41
CA ARG C 215 25.31 -18.72 -9.68
C ARG C 215 24.35 -17.54 -9.51
N THR C 216 23.48 -17.26 -10.48
CA THR C 216 22.54 -16.12 -10.32
C THR C 216 21.53 -16.46 -9.22
N LEU C 217 21.10 -17.72 -9.10
CA LEU C 217 20.15 -18.10 -8.03
C LEU C 217 20.84 -17.95 -6.66
N GLN C 218 22.07 -18.42 -6.53
CA GLN C 218 22.81 -18.43 -5.23
C GLN C 218 23.05 -16.97 -4.81
N MET C 219 23.34 -16.10 -5.76
CA MET C 219 23.58 -14.68 -5.50
C MET C 219 22.29 -14.01 -5.05
N MET C 220 21.17 -14.30 -5.73
CA MET C 220 19.86 -13.65 -5.39
C MET C 220 19.42 -14.14 -4.01
N GLY C 221 19.65 -15.41 -3.69
CA GLY C 221 19.28 -16.00 -2.39
C GLY C 221 20.04 -15.43 -1.22
N GLU C 222 21.31 -15.02 -1.40
CA GLU C 222 22.18 -14.49 -0.31
C GLU C 222 22.21 -12.96 -0.32
N HIS C 223 21.54 -12.29 -1.24
CA HIS C 223 21.61 -10.82 -1.37
C HIS C 223 20.69 -10.17 -0.34
N PRO C 224 21.25 -9.38 0.60
CA PRO C 224 20.43 -8.73 1.62
C PRO C 224 19.54 -7.61 1.06
N GLY C 225 19.79 -7.13 -0.16
CA GLY C 225 18.96 -6.08 -0.79
C GLY C 225 17.76 -6.64 -1.56
N LEU C 226 17.60 -7.97 -1.61
CA LEU C 226 16.55 -8.67 -2.42
C LEU C 226 15.74 -9.63 -1.54
N ASP C 227 14.49 -9.90 -1.91
CA ASP C 227 13.78 -11.15 -1.54
C ASP C 227 13.32 -11.85 -2.81
N ALA C 228 13.62 -13.13 -3.00
CA ALA C 228 13.57 -13.82 -4.31
C ALA C 228 12.97 -15.22 -4.21
N THR C 229 12.23 -15.60 -5.24
CA THR C 229 11.71 -16.96 -5.48
C THR C 229 12.04 -17.34 -6.92
N ALA C 230 11.95 -18.62 -7.25
CA ALA C 230 12.15 -19.12 -8.63
C ALA C 230 11.06 -20.12 -8.99
N ILE C 231 10.34 -19.84 -10.05
CA ILE C 231 9.22 -20.70 -10.54
C ILE C 231 9.74 -21.53 -11.72
N GLN C 232 9.76 -22.85 -11.60
CA GLN C 232 10.08 -23.76 -12.72
C GLN C 232 8.87 -23.79 -13.66
N THR C 233 9.10 -23.67 -14.97
CA THR C 233 8.08 -23.55 -16.01
C THR C 233 8.31 -24.64 -17.06
N VAL C 234 7.22 -25.02 -17.72
CA VAL C 234 7.25 -25.86 -18.93
C VAL C 234 6.31 -25.23 -19.91
N GLY C 235 6.40 -25.65 -21.16
CA GLY C 235 5.56 -25.15 -22.23
C GLY C 235 6.32 -25.12 -23.52
N ARG C 236 6.05 -24.13 -24.39
CA ARG C 236 6.64 -24.15 -25.76
C ARG C 236 8.13 -23.81 -25.67
N LYS C 237 8.64 -23.27 -24.56
CA LYS C 237 10.09 -22.96 -24.44
C LYS C 237 10.81 -24.02 -23.62
N GLY C 238 10.16 -25.15 -23.36
CA GLY C 238 10.80 -26.28 -22.65
C GLY C 238 10.79 -26.09 -21.13
N TRP C 239 11.50 -26.97 -20.44
CA TRP C 239 11.68 -26.96 -18.97
C TRP C 239 12.72 -25.90 -18.59
N ASP C 240 12.27 -24.81 -17.98
CA ASP C 240 13.20 -23.75 -17.53
C ASP C 240 12.53 -23.08 -16.32
N GLY C 241 12.71 -21.79 -16.17
CA GLY C 241 12.07 -21.08 -15.07
C GLY C 241 12.55 -19.65 -14.99
N PHE C 242 11.95 -18.86 -14.11
CA PHE C 242 12.30 -17.45 -13.90
C PHE C 242 12.44 -17.22 -12.40
N ALA C 243 13.32 -16.30 -12.03
CA ALA C 243 13.44 -15.78 -10.65
C ALA C 243 12.65 -14.48 -10.64
N LEU C 244 11.97 -14.22 -9.53
CA LEU C 244 11.30 -12.94 -9.30
C LEU C 244 11.75 -12.44 -7.93
N ALA C 245 12.16 -11.18 -7.85
CA ALA C 245 12.68 -10.58 -6.62
C ALA C 245 12.03 -9.22 -6.40
N LEU C 246 11.82 -8.88 -5.13
CA LEU C 246 11.53 -7.48 -4.70
C LEU C 246 12.85 -6.85 -4.23
N VAL C 247 13.08 -5.60 -4.62
CA VAL C 247 14.18 -4.74 -4.13
C VAL C 247 13.75 -4.23 -2.74
N ARG C 248 14.54 -4.51 -1.71
CA ARG C 248 14.20 -4.02 -0.34
C ARG C 248 14.54 -2.52 -0.21
N GLN D 34 19.41 -38.05 -14.61
CA GLN D 34 19.47 -37.46 -13.25
C GLN D 34 18.41 -36.36 -13.13
N PRO D 35 18.70 -35.06 -13.30
CA PRO D 35 17.89 -34.04 -12.63
C PRO D 35 16.42 -34.02 -13.05
N ASN D 36 15.52 -33.97 -12.07
CA ASN D 36 14.05 -33.86 -12.27
C ASN D 36 13.55 -32.61 -11.53
N PRO D 37 12.31 -32.13 -11.76
CA PRO D 37 11.82 -30.91 -11.10
C PRO D 37 11.71 -30.96 -9.58
N PRO D 38 11.30 -32.08 -8.93
CA PRO D 38 11.35 -32.16 -7.46
C PRO D 38 12.77 -31.90 -6.92
N ASP D 39 13.82 -32.44 -7.55
CA ASP D 39 15.22 -32.23 -7.11
C ASP D 39 15.60 -30.74 -7.28
N VAL D 40 15.27 -30.14 -8.41
CA VAL D 40 15.53 -28.69 -8.64
C VAL D 40 14.81 -27.91 -7.52
N ASP D 41 13.57 -28.26 -7.16
CA ASP D 41 12.81 -27.47 -6.14
C ASP D 41 13.49 -27.60 -4.77
N ALA D 42 14.09 -28.74 -4.42
CA ALA D 42 14.81 -28.90 -3.13
C ALA D 42 16.00 -27.95 -3.12
N PHE D 43 16.70 -27.81 -4.24
CA PHE D 43 17.80 -26.82 -4.40
C PHE D 43 17.24 -25.38 -4.30
N LEU D 44 16.14 -25.08 -4.99
CA LEU D 44 15.54 -23.72 -4.96
C LEU D 44 15.09 -23.40 -3.53
N ASP D 45 14.54 -24.37 -2.79
CA ASP D 45 13.98 -24.15 -1.43
C ASP D 45 15.12 -23.83 -0.46
N SER D 46 16.17 -24.63 -0.51
CA SER D 46 17.41 -24.42 0.27
C SER D 46 18.04 -23.04 -0.04
N THR D 47 18.14 -22.67 -1.31
CA THR D 47 18.81 -21.42 -1.77
C THR D 47 17.96 -20.18 -1.50
N LEU D 48 16.65 -20.20 -1.75
CA LEU D 48 15.82 -18.96 -1.81
C LEU D 48 14.84 -18.85 -0.63
N VAL D 49 14.51 -19.96 0.03
CA VAL D 49 13.57 -19.95 1.19
C VAL D 49 14.34 -20.28 2.46
N GLY D 50 15.09 -21.39 2.49
CA GLY D 50 15.87 -21.81 3.66
C GLY D 50 14.97 -22.38 4.75
N ASP D 51 15.50 -22.52 5.97
CA ASP D 51 14.81 -23.05 7.16
C ASP D 51 13.64 -22.12 7.51
N ASP D 52 12.43 -22.66 7.57
CA ASP D 52 11.22 -21.87 7.93
C ASP D 52 10.37 -22.74 8.83
N PRO D 53 10.69 -22.81 10.14
CA PRO D 53 9.99 -23.69 11.07
C PRO D 53 8.48 -23.50 11.10
N ALA D 54 7.99 -22.25 11.04
CA ALA D 54 6.53 -21.99 11.06
C ALA D 54 5.86 -22.66 9.86
N LEU D 55 6.48 -22.61 8.67
CA LEU D 55 5.88 -23.24 7.46
C LEU D 55 5.95 -24.75 7.60
N ALA D 56 7.09 -25.29 8.06
CA ALA D 56 7.30 -26.74 8.25
C ALA D 56 6.20 -27.26 9.17
N ALA D 57 5.96 -26.56 10.28
CA ALA D 57 4.96 -26.96 11.30
C ALA D 57 3.56 -26.90 10.68
N ALA D 58 3.25 -25.91 9.86
CA ALA D 58 1.93 -25.82 9.21
C ALA D 58 1.71 -27.05 8.29
N LEU D 59 2.73 -27.44 7.53
CA LEU D 59 2.60 -28.60 6.61
C LEU D 59 2.42 -29.88 7.44
N ALA D 60 3.21 -30.09 8.48
CA ALA D 60 3.08 -31.28 9.40
C ALA D 60 1.66 -31.32 9.99
N ALA D 61 1.17 -30.22 10.56
CA ALA D 61 -0.14 -30.18 11.23
C ALA D 61 -1.24 -30.45 10.20
N SER D 62 -1.10 -29.94 8.96
CA SER D 62 -2.10 -30.17 7.89
C SER D 62 -2.11 -31.67 7.54
N ASP D 63 -0.94 -32.31 7.50
CA ASP D 63 -0.84 -33.77 7.20
C ASP D 63 -1.52 -34.56 8.34
N ALA D 64 -1.19 -34.29 9.60
CA ALA D 64 -1.77 -34.94 10.80
C ALA D 64 -3.31 -34.83 10.80
N ALA D 65 -3.90 -33.69 10.41
CA ALA D 65 -5.37 -33.50 10.45
C ALA D 65 -6.00 -33.96 9.13
N GLU D 66 -5.22 -34.54 8.22
CA GLU D 66 -5.76 -35.15 6.98
C GLU D 66 -6.45 -34.08 6.14
N LEU D 67 -5.89 -32.88 6.06
CA LEU D 67 -6.31 -31.89 5.03
C LEU D 67 -5.99 -32.45 3.66
N PRO D 68 -6.58 -31.83 2.60
CA PRO D 68 -6.19 -32.15 1.22
C PRO D 68 -4.71 -31.76 1.06
N ARG D 69 -4.02 -32.18 -0.01
CA ARG D 69 -2.61 -31.74 -0.24
C ARG D 69 -2.58 -30.20 -0.36
N ILE D 70 -1.55 -29.54 0.18
CA ILE D 70 -1.36 -28.08 -0.02
C ILE D 70 -1.15 -27.86 -1.51
N ALA D 71 -1.75 -26.82 -2.08
CA ALA D 71 -1.82 -26.58 -3.54
C ALA D 71 -0.50 -26.00 -4.08
N VAL D 72 0.22 -25.23 -3.26
CA VAL D 72 1.41 -24.49 -3.74
C VAL D 72 2.65 -25.09 -3.06
N SER D 73 3.73 -25.16 -3.83
CA SER D 73 5.11 -25.42 -3.34
C SER D 73 5.59 -24.22 -2.52
N ALA D 74 6.74 -24.36 -1.86
CA ALA D 74 7.41 -23.23 -1.18
C ALA D 74 7.71 -22.11 -2.19
N GLN D 75 8.23 -22.45 -3.37
CA GLN D 75 8.56 -21.41 -4.38
C GLN D 75 7.29 -20.68 -4.83
N GLN D 76 6.21 -21.41 -5.04
CA GLN D 76 4.93 -20.86 -5.52
C GLN D 76 4.30 -20.02 -4.44
N GLY D 77 4.37 -20.50 -3.19
CA GLY D 77 3.90 -19.74 -2.02
C GLY D 77 4.66 -18.43 -1.88
N LYS D 78 5.99 -18.50 -1.98
CA LYS D 78 6.80 -17.27 -1.88
C LYS D 78 6.51 -16.34 -3.08
N PHE D 79 6.22 -16.88 -4.25
CA PHE D 79 5.72 -16.07 -5.39
C PHE D 79 4.48 -15.26 -4.97
N LEU D 80 3.51 -15.88 -4.28
CA LEU D 80 2.27 -15.17 -3.87
C LEU D 80 2.67 -14.04 -2.90
N CYS D 81 3.62 -14.32 -2.00
CA CYS D 81 4.19 -13.34 -1.05
C CYS D 81 4.76 -12.12 -1.80
N LEU D 82 5.61 -12.36 -2.78
CA LEU D 82 6.31 -11.29 -3.54
C LEU D 82 5.34 -10.53 -4.45
N LEU D 83 4.34 -11.20 -5.00
CA LEU D 83 3.26 -10.56 -5.79
C LEU D 83 2.50 -9.56 -4.90
N ALA D 84 2.09 -10.01 -3.72
CA ALA D 84 1.44 -9.14 -2.72
C ALA D 84 2.33 -7.94 -2.39
N GLY D 85 3.61 -8.16 -2.13
CA GLY D 85 4.56 -7.05 -1.87
C GLY D 85 4.71 -6.14 -3.08
N ALA D 86 4.84 -6.70 -4.30
CA ALA D 86 5.02 -5.93 -5.55
C ALA D 86 3.87 -4.93 -5.71
N ILE D 87 2.62 -5.36 -5.49
CA ILE D 87 1.44 -4.50 -5.73
C ILE D 87 1.06 -3.74 -4.47
N GLN D 88 1.81 -3.87 -3.36
CA GLN D 88 1.49 -3.23 -2.05
C GLN D 88 0.06 -3.65 -1.61
N ALA D 89 -0.26 -4.94 -1.67
CA ALA D 89 -1.56 -5.49 -1.24
C ALA D 89 -1.76 -5.15 0.24
N ARG D 90 -2.93 -4.63 0.56
CA ARG D 90 -3.36 -4.35 1.95
C ARG D 90 -4.50 -5.31 2.28
N ARG D 91 -5.31 -5.68 1.28
CA ARG D 91 -6.52 -6.51 1.49
C ARG D 91 -6.46 -7.68 0.52
N VAL D 92 -6.35 -8.88 1.05
CA VAL D 92 -6.19 -10.16 0.28
C VAL D 92 -7.39 -11.07 0.58
N LEU D 93 -7.99 -11.63 -0.47
CA LEU D 93 -9.03 -12.67 -0.35
C LEU D 93 -8.44 -14.01 -0.78
N GLU D 94 -8.55 -15.02 0.08
CA GLU D 94 -8.11 -16.42 -0.25
C GLU D 94 -9.34 -17.33 -0.18
N ILE D 95 -9.62 -18.03 -1.25
CA ILE D 95 -10.75 -19.00 -1.33
C ILE D 95 -10.13 -20.40 -1.29
N GLY D 96 -10.15 -21.02 -0.11
CA GLY D 96 -9.54 -22.34 0.15
C GLY D 96 -8.32 -22.22 1.03
N THR D 97 -8.51 -22.20 2.34
CA THR D 97 -7.42 -21.96 3.32
C THR D 97 -6.40 -23.11 3.25
N LEU D 98 -6.85 -24.37 3.11
CA LEU D 98 -5.97 -25.58 3.03
C LEU D 98 -4.83 -25.49 4.04
N GLY D 99 -5.17 -25.29 5.32
CA GLY D 99 -4.21 -25.36 6.42
C GLY D 99 -3.45 -24.08 6.65
N GLY D 100 -3.50 -23.13 5.72
CA GLY D 100 -2.93 -21.80 5.94
C GLY D 100 -1.47 -21.66 5.52
N PHE D 101 -0.92 -22.63 4.76
CA PHE D 101 0.44 -22.49 4.15
C PHE D 101 0.44 -21.29 3.19
N SER D 102 -0.51 -21.27 2.27
CA SER D 102 -0.72 -20.21 1.27
C SER D 102 -1.02 -18.88 1.99
N THR D 103 -1.80 -18.97 3.06
CA THR D 103 -2.27 -17.82 3.87
C THR D 103 -1.09 -17.17 4.55
N ILE D 104 -0.18 -17.95 5.12
CA ILE D 104 1.00 -17.39 5.81
C ILE D 104 1.79 -16.58 4.79
N TRP D 105 2.06 -17.14 3.62
CA TRP D 105 2.78 -16.43 2.55
C TRP D 105 2.06 -15.13 2.19
N LEU D 106 0.74 -15.16 1.94
CA LEU D 106 -0.02 -13.96 1.57
C LEU D 106 0.04 -12.90 2.70
N ALA D 107 -0.08 -13.32 3.97
CA ALA D 107 -0.07 -12.44 5.17
C ALA D 107 1.33 -11.83 5.31
N ARG D 108 2.38 -12.61 5.04
CA ARG D 108 3.76 -12.07 5.05
C ARG D 108 3.87 -11.00 3.96
N GLY D 109 3.28 -11.23 2.78
CA GLY D 109 3.43 -10.30 1.64
C GLY D 109 2.63 -9.03 1.84
N ALA D 110 1.44 -9.14 2.44
CA ALA D 110 0.57 -8.00 2.76
C ALA D 110 1.19 -7.18 3.90
N GLY D 111 2.11 -7.74 4.69
CA GLY D 111 2.87 -6.97 5.68
C GLY D 111 2.09 -6.69 6.97
N PRO D 112 2.71 -5.98 7.94
CA PRO D 112 2.11 -5.68 9.24
C PRO D 112 0.72 -5.05 9.19
N GLN D 113 0.48 -4.19 8.20
CA GLN D 113 -0.79 -3.43 8.05
C GLN D 113 -1.80 -4.25 7.22
N GLY D 114 -1.35 -5.33 6.57
CA GLY D 114 -2.21 -6.08 5.64
C GLY D 114 -3.24 -6.94 6.35
N ARG D 115 -4.35 -7.20 5.69
CA ARG D 115 -5.48 -8.00 6.23
C ARG D 115 -5.81 -9.05 5.18
N VAL D 116 -5.82 -10.32 5.58
CA VAL D 116 -6.19 -11.45 4.70
C VAL D 116 -7.54 -11.96 5.19
N VAL D 117 -8.48 -12.14 4.28
CA VAL D 117 -9.72 -12.91 4.54
C VAL D 117 -9.61 -14.25 3.80
N THR D 118 -9.62 -15.36 4.52
CA THR D 118 -9.45 -16.71 3.94
C THR D 118 -10.70 -17.53 4.26
N LEU D 119 -11.28 -18.19 3.23
CA LEU D 119 -12.54 -18.95 3.31
C LEU D 119 -12.23 -20.44 3.39
N GLU D 120 -12.71 -21.09 4.43
CA GLU D 120 -12.54 -22.53 4.68
C GLU D 120 -13.92 -23.14 4.92
N TYR D 121 -14.21 -24.25 4.24
CA TYR D 121 -15.47 -25.01 4.36
C TYR D 121 -15.56 -25.72 5.73
N GLN D 122 -14.59 -26.57 6.09
CA GLN D 122 -14.62 -27.48 7.28
C GLN D 122 -14.15 -26.77 8.54
N PRO D 123 -14.95 -26.75 9.63
CA PRO D 123 -14.49 -26.16 10.90
C PRO D 123 -13.22 -26.79 11.48
N LYS D 124 -13.01 -28.09 11.32
CA LYS D 124 -11.78 -28.78 11.84
C LYS D 124 -10.58 -28.23 11.06
N HIS D 125 -10.71 -28.09 9.74
CA HIS D 125 -9.64 -27.53 8.85
C HIS D 125 -9.39 -26.07 9.21
N ALA D 126 -10.45 -25.31 9.47
CA ALA D 126 -10.35 -23.90 9.94
C ALA D 126 -9.54 -23.83 11.22
N GLU D 127 -9.77 -24.75 12.16
CA GLU D 127 -9.05 -24.74 13.46
C GLU D 127 -7.55 -25.01 13.23
N VAL D 128 -7.21 -25.99 12.40
CA VAL D 128 -5.79 -26.26 12.01
C VAL D 128 -5.16 -24.97 11.48
N ALA D 129 -5.84 -24.30 10.55
CA ALA D 129 -5.34 -23.04 9.92
C ALA D 129 -5.05 -22.01 11.01
N ARG D 130 -6.00 -21.78 11.93
CA ARG D 130 -5.84 -20.72 12.97
C ARG D 130 -4.57 -20.98 13.80
N VAL D 131 -4.34 -22.24 14.19
CA VAL D 131 -3.17 -22.60 15.02
C VAL D 131 -1.90 -22.39 14.20
N ASN D 132 -1.89 -22.83 12.94
CA ASN D 132 -0.74 -22.60 12.01
C ASN D 132 -0.48 -21.09 11.88
N LEU D 133 -1.52 -20.27 11.75
CA LEU D 133 -1.37 -18.79 11.61
C LEU D 133 -0.82 -18.18 12.89
N GLN D 134 -1.31 -18.61 14.07
CA GLN D 134 -0.80 -18.17 15.39
C GLN D 134 0.68 -18.52 15.51
N ARG D 135 1.08 -19.76 15.17
CA ARG D 135 2.48 -20.19 15.29
C ARG D 135 3.37 -19.39 14.33
N ALA D 136 2.87 -18.97 13.18
CA ALA D 136 3.67 -18.20 12.20
C ALA D 136 3.65 -16.71 12.54
N GLY D 137 2.93 -16.29 13.58
CA GLY D 137 3.00 -14.89 14.06
C GLY D 137 2.21 -13.92 13.19
N VAL D 138 1.13 -14.38 12.51
CA VAL D 138 0.40 -13.54 11.52
C VAL D 138 -1.11 -13.63 11.79
N ALA D 139 -1.54 -14.26 12.89
CA ALA D 139 -2.97 -14.49 13.21
C ALA D 139 -3.71 -13.14 13.28
N ASP D 140 -3.03 -12.09 13.72
CA ASP D 140 -3.66 -10.74 13.85
C ASP D 140 -3.93 -10.13 12.45
N ARG D 141 -3.29 -10.63 11.39
CA ARG D 141 -3.48 -10.11 10.01
C ARG D 141 -4.56 -10.90 9.29
N VAL D 142 -5.06 -12.00 9.87
CA VAL D 142 -5.86 -12.99 9.10
C VAL D 142 -7.18 -13.25 9.82
N GLU D 143 -8.27 -13.27 9.08
CA GLU D 143 -9.60 -13.71 9.55
C GLU D 143 -9.95 -14.95 8.73
N VAL D 144 -10.10 -16.08 9.40
CA VAL D 144 -10.58 -17.33 8.75
C VAL D 144 -12.10 -17.33 8.84
N VAL D 145 -12.78 -17.41 7.71
CA VAL D 145 -14.27 -17.30 7.62
C VAL D 145 -14.79 -18.66 7.21
N VAL D 146 -15.54 -19.30 8.11
CA VAL D 146 -15.89 -20.74 8.00
C VAL D 146 -17.26 -20.86 7.34
N GLY D 147 -17.42 -21.82 6.44
CA GLY D 147 -18.69 -22.14 5.79
C GLY D 147 -18.45 -22.30 4.30
N PRO D 148 -19.48 -22.73 3.54
CA PRO D 148 -19.36 -22.80 2.08
C PRO D 148 -19.11 -21.39 1.54
N ALA D 149 -18.13 -21.29 0.64
CA ALA D 149 -17.63 -20.01 0.07
C ALA D 149 -18.76 -19.27 -0.66
N LEU D 150 -19.63 -20.00 -1.35
CA LEU D 150 -20.79 -19.41 -2.08
C LEU D 150 -21.80 -18.78 -1.10
N ASP D 151 -21.85 -19.19 0.17
CA ASP D 151 -22.69 -18.56 1.22
C ASP D 151 -21.93 -17.43 1.94
N THR D 152 -20.60 -17.53 2.14
CA THR D 152 -19.82 -16.55 2.94
C THR D 152 -19.34 -15.40 2.07
N LEU D 153 -19.11 -15.60 0.75
CA LEU D 153 -18.61 -14.53 -0.17
C LEU D 153 -19.56 -13.32 -0.12
N PRO D 154 -20.89 -13.50 -0.30
CA PRO D 154 -21.82 -12.36 -0.23
C PRO D 154 -21.82 -11.61 1.11
N THR D 155 -21.28 -12.18 2.18
CA THR D 155 -21.32 -11.61 3.56
C THR D 155 -20.04 -10.83 3.86
N LEU D 156 -19.03 -10.81 2.98
CA LEU D 156 -17.70 -10.21 3.27
C LEU D 156 -17.80 -8.69 3.13
N ALA D 157 -17.35 -7.92 4.11
CA ALA D 157 -17.44 -6.44 4.06
C ALA D 157 -16.07 -5.77 4.23
N GLY D 158 -14.97 -6.55 4.17
CA GLY D 158 -13.57 -6.08 4.32
C GLY D 158 -13.03 -5.39 3.07
N GLY D 159 -13.58 -4.19 2.76
CA GLY D 159 -13.15 -3.30 1.65
C GLY D 159 -12.98 -4.10 0.37
N PRO D 160 -12.71 -3.46 -0.78
CA PRO D 160 -12.32 -4.19 -2.00
C PRO D 160 -10.94 -4.85 -1.84
N PHE D 161 -10.76 -5.98 -2.52
CA PHE D 161 -9.50 -6.76 -2.43
C PHE D 161 -8.51 -6.32 -3.51
N ASP D 162 -7.23 -6.27 -3.13
CA ASP D 162 -6.07 -6.00 -4.03
C ASP D 162 -5.63 -7.29 -4.74
N LEU D 163 -5.79 -8.43 -4.08
CA LEU D 163 -5.26 -9.72 -4.54
C LEU D 163 -6.25 -10.80 -4.10
N VAL D 164 -6.61 -11.68 -5.02
CA VAL D 164 -7.49 -12.83 -4.70
C VAL D 164 -6.77 -14.11 -5.13
N PHE D 165 -6.70 -15.10 -4.25
CA PHE D 165 -6.05 -16.39 -4.51
C PHE D 165 -7.08 -17.50 -4.37
N ILE D 166 -7.23 -18.34 -5.38
CA ILE D 166 -8.30 -19.37 -5.44
C ILE D 166 -7.64 -20.74 -5.58
N ASP D 167 -7.77 -21.63 -4.60
CA ASP D 167 -7.05 -22.93 -4.68
C ASP D 167 -7.86 -24.06 -4.05
N ALA D 168 -9.18 -23.95 -3.96
CA ALA D 168 -9.98 -25.12 -3.54
C ALA D 168 -11.23 -25.23 -4.40
N ASP D 169 -11.83 -26.42 -4.43
CA ASP D 169 -13.22 -26.69 -4.89
C ASP D 169 -13.39 -26.16 -6.31
N LYS D 170 -12.66 -26.75 -7.27
CA LYS D 170 -12.52 -26.12 -8.62
C LYS D 170 -13.83 -26.24 -9.43
N GLU D 171 -14.75 -27.14 -9.04
CA GLU D 171 -16.10 -27.26 -9.65
C GLU D 171 -16.82 -25.89 -9.56
N ASN D 172 -16.51 -25.07 -8.56
CA ASN D 172 -17.18 -23.75 -8.30
C ASN D 172 -16.32 -22.57 -8.76
N ASN D 173 -15.30 -22.81 -9.59
CA ASN D 173 -14.30 -21.77 -9.97
C ASN D 173 -14.97 -20.61 -10.69
N VAL D 174 -15.91 -20.91 -11.59
CA VAL D 174 -16.58 -19.86 -12.41
C VAL D 174 -17.26 -18.88 -11.44
N ALA D 175 -17.95 -19.41 -10.42
CA ALA D 175 -18.67 -18.55 -9.44
C ALA D 175 -17.62 -17.79 -8.59
N TYR D 176 -16.53 -18.45 -8.21
CA TYR D 176 -15.50 -17.84 -7.34
C TYR D 176 -14.85 -16.64 -8.04
N ILE D 177 -14.57 -16.82 -9.32
CA ILE D 177 -13.91 -15.79 -10.16
C ILE D 177 -14.90 -14.62 -10.34
N GLN D 178 -16.20 -14.88 -10.57
CA GLN D 178 -17.19 -13.79 -10.70
C GLN D 178 -17.25 -13.01 -9.40
N TRP D 179 -17.31 -13.71 -8.26
CA TRP D 179 -17.30 -13.03 -6.93
C TRP D 179 -15.97 -12.25 -6.73
N ALA D 180 -14.84 -12.83 -7.15
CA ALA D 180 -13.52 -12.18 -7.02
C ALA D 180 -13.54 -10.83 -7.75
N ILE D 181 -14.04 -10.80 -8.98
CA ILE D 181 -14.13 -9.57 -9.82
C ILE D 181 -14.99 -8.55 -9.07
N ARG D 182 -16.16 -8.99 -8.57
CA ARG D 182 -17.13 -8.13 -7.90
C ARG D 182 -16.48 -7.53 -6.64
N LEU D 183 -15.69 -8.31 -5.89
CA LEU D 183 -15.16 -7.88 -4.57
C LEU D 183 -13.78 -7.23 -4.70
N ALA D 184 -13.22 -7.19 -5.91
CA ALA D 184 -11.84 -6.69 -6.14
C ALA D 184 -11.90 -5.26 -6.69
N ARG D 185 -10.89 -4.46 -6.42
CA ARG D 185 -10.72 -3.14 -7.10
C ARG D 185 -10.27 -3.36 -8.55
N ARG D 186 -10.44 -2.32 -9.35
CA ARG D 186 -9.85 -2.23 -10.69
C ARG D 186 -8.33 -2.37 -10.54
N GLY D 187 -7.70 -3.14 -11.41
CA GLY D 187 -6.25 -3.38 -11.37
C GLY D 187 -5.85 -4.45 -10.37
N ALA D 188 -6.80 -5.04 -9.65
CA ALA D 188 -6.52 -6.15 -8.71
C ALA D 188 -6.00 -7.37 -9.48
N VAL D 189 -5.27 -8.23 -8.79
CA VAL D 189 -4.69 -9.48 -9.35
C VAL D 189 -5.51 -10.64 -8.83
N ILE D 190 -5.89 -11.54 -9.72
CA ILE D 190 -6.55 -12.81 -9.32
C ILE D 190 -5.64 -13.94 -9.78
N VAL D 191 -5.37 -14.87 -8.89
CA VAL D 191 -4.55 -16.06 -9.22
C VAL D 191 -5.40 -17.28 -8.92
N VAL D 192 -5.45 -18.18 -9.88
CA VAL D 192 -6.23 -19.43 -9.74
C VAL D 192 -5.25 -20.57 -9.87
N ASP D 193 -5.16 -21.39 -8.83
CA ASP D 193 -4.17 -22.49 -8.77
C ASP D 193 -4.70 -23.74 -9.48
N ASN D 194 -3.79 -24.55 -10.02
CA ASN D 194 -4.09 -25.91 -10.54
C ASN D 194 -5.07 -25.85 -11.70
N VAL D 195 -4.70 -25.11 -12.77
CA VAL D 195 -5.53 -24.96 -13.98
C VAL D 195 -5.00 -25.85 -15.11
N ILE D 196 -3.95 -26.67 -14.87
CA ILE D 196 -3.32 -27.48 -15.96
C ILE D 196 -3.55 -28.99 -15.73
N ARG D 197 -3.44 -29.48 -14.48
CA ARG D 197 -3.78 -30.88 -14.06
C ARG D 197 -2.97 -31.89 -14.86
N GLY D 198 -1.64 -31.75 -14.94
CA GLY D 198 -0.79 -32.68 -15.71
C GLY D 198 -1.22 -32.81 -17.17
N GLY D 199 -1.79 -31.76 -17.76
CA GLY D 199 -2.19 -31.77 -19.16
C GLY D 199 -3.57 -32.38 -19.37
N GLY D 200 -4.24 -32.80 -18.30
CA GLY D 200 -5.57 -33.42 -18.34
C GLY D 200 -6.60 -32.51 -18.98
N ILE D 201 -6.40 -31.18 -18.97
CA ILE D 201 -7.36 -30.22 -19.54
C ILE D 201 -7.49 -30.45 -21.06
N LEU D 202 -6.58 -31.20 -21.69
CA LEU D 202 -6.61 -31.36 -23.17
C LEU D 202 -7.49 -32.56 -23.57
N ALA D 203 -7.40 -33.73 -22.91
CA ALA D 203 -8.03 -34.97 -23.44
C ALA D 203 -8.90 -35.75 -22.43
N GLU D 204 -9.22 -35.22 -21.24
CA GLU D 204 -9.77 -36.04 -20.11
C GLU D 204 -11.17 -35.58 -19.70
N SER D 205 -12.13 -35.76 -20.61
CA SER D 205 -13.60 -35.77 -20.35
C SER D 205 -13.92 -36.64 -19.13
N ASP D 206 -13.21 -37.78 -18.98
CA ASP D 206 -13.32 -38.72 -17.84
C ASP D 206 -13.27 -37.94 -16.50
N ASP D 207 -12.36 -36.97 -16.35
CA ASP D 207 -11.97 -36.37 -15.04
C ASP D 207 -12.69 -35.04 -14.81
N ALA D 208 -13.55 -34.97 -13.79
CA ALA D 208 -14.38 -33.77 -13.46
C ALA D 208 -13.46 -32.60 -13.14
N ASP D 209 -12.35 -32.91 -12.51
CA ASP D 209 -11.35 -31.95 -12.05
C ASP D 209 -10.69 -31.28 -13.26
N ALA D 210 -10.28 -32.07 -14.25
CA ALA D 210 -9.63 -31.60 -15.49
C ALA D 210 -10.63 -30.79 -16.30
N VAL D 211 -11.89 -31.24 -16.34
CA VAL D 211 -12.98 -30.56 -17.07
C VAL D 211 -13.20 -29.19 -16.41
N ALA D 212 -13.26 -29.14 -15.08
CA ALA D 212 -13.47 -27.88 -14.34
C ALA D 212 -12.32 -26.92 -14.61
N ALA D 213 -11.07 -27.37 -14.64
CA ALA D 213 -9.89 -26.51 -14.92
C ALA D 213 -9.99 -25.96 -16.34
N ARG D 214 -10.35 -26.82 -17.31
CA ARG D 214 -10.46 -26.42 -18.73
C ARG D 214 -11.54 -25.32 -18.82
N ARG D 215 -12.67 -25.52 -18.13
CA ARG D 215 -13.81 -24.55 -18.16
C ARG D 215 -13.38 -23.23 -17.51
N THR D 216 -12.55 -23.25 -16.45
CA THR D 216 -12.16 -21.98 -15.81
C THR D 216 -11.24 -21.21 -16.76
N LEU D 217 -10.40 -21.87 -17.54
CA LEU D 217 -9.49 -21.16 -18.48
C LEU D 217 -10.32 -20.51 -19.58
N GLN D 218 -11.30 -21.24 -20.13
CA GLN D 218 -12.14 -20.75 -21.25
C GLN D 218 -12.92 -19.53 -20.76
N MET D 219 -13.43 -19.58 -19.53
CA MET D 219 -14.18 -18.46 -18.92
C MET D 219 -13.25 -17.25 -18.75
N MET D 220 -12.03 -17.44 -18.24
CA MET D 220 -11.10 -16.32 -17.94
C MET D 220 -10.66 -15.68 -19.25
N GLY D 221 -10.48 -16.49 -20.31
CA GLY D 221 -10.06 -15.98 -21.62
C GLY D 221 -11.12 -15.12 -22.31
N GLU D 222 -12.41 -15.40 -22.09
CA GLU D 222 -13.51 -14.67 -22.78
C GLU D 222 -14.14 -13.61 -21.87
N HIS D 223 -13.68 -13.45 -20.63
CA HIS D 223 -14.32 -12.53 -19.68
C HIS D 223 -13.90 -11.10 -19.98
N PRO D 224 -14.84 -10.19 -20.31
CA PRO D 224 -14.51 -8.80 -20.62
C PRO D 224 -13.96 -8.02 -19.43
N GLY D 225 -14.17 -8.51 -18.20
CA GLY D 225 -13.69 -7.85 -16.97
C GLY D 225 -12.26 -8.24 -16.62
N LEU D 226 -11.62 -9.16 -17.36
CA LEU D 226 -10.30 -9.76 -17.00
C LEU D 226 -9.34 -9.67 -18.18
N ASP D 227 -8.04 -9.59 -17.90
CA ASP D 227 -6.97 -9.94 -18.85
C ASP D 227 -6.12 -11.01 -18.16
N ALA D 228 -5.93 -12.16 -18.81
CA ALA D 228 -5.43 -13.39 -18.14
C ALA D 228 -4.31 -14.07 -18.95
N THR D 229 -3.42 -14.72 -18.22
CA THR D 229 -2.41 -15.66 -18.76
C THR D 229 -2.47 -16.93 -17.88
N ALA D 230 -1.86 -18.00 -18.35
CA ALA D 230 -1.68 -19.23 -17.54
C ALA D 230 -0.23 -19.72 -17.69
N ILE D 231 0.44 -19.89 -16.57
CA ILE D 231 1.85 -20.35 -16.50
C ILE D 231 1.85 -21.83 -16.11
N GLN D 232 2.31 -22.72 -16.98
CA GLN D 232 2.52 -24.14 -16.62
C GLN D 232 3.74 -24.23 -15.70
N THR D 233 3.65 -24.96 -14.60
CA THR D 233 4.72 -25.13 -13.60
C THR D 233 5.06 -26.61 -13.43
N VAL D 234 6.27 -26.87 -12.98
CA VAL D 234 6.74 -28.19 -12.49
C VAL D 234 7.49 -27.93 -11.20
N GLY D 235 7.71 -28.98 -10.43
CA GLY D 235 8.47 -28.90 -9.18
C GLY D 235 7.94 -29.94 -8.21
N ARG D 236 7.92 -29.62 -6.92
CA ARG D 236 7.57 -30.63 -5.88
C ARG D 236 6.06 -30.91 -5.93
N LYS D 237 5.24 -30.10 -6.59
CA LYS D 237 3.79 -30.35 -6.72
C LYS D 237 3.43 -30.97 -8.06
N GLY D 238 4.43 -31.37 -8.86
CA GLY D 238 4.18 -31.99 -10.17
C GLY D 238 3.90 -30.95 -11.27
N TRP D 239 3.50 -31.44 -12.42
CA TRP D 239 3.15 -30.66 -13.62
C TRP D 239 1.73 -30.11 -13.45
N ASP D 240 1.62 -28.80 -13.23
CA ASP D 240 0.30 -28.13 -13.14
C ASP D 240 0.49 -26.71 -13.63
N GLY D 241 -0.20 -25.75 -13.03
CA GLY D 241 0.00 -24.37 -13.42
C GLY D 241 -1.03 -23.48 -12.76
N PHE D 242 -0.88 -22.18 -12.92
CA PHE D 242 -1.79 -21.18 -12.32
C PHE D 242 -2.19 -20.20 -13.41
N ALA D 243 -3.41 -19.68 -13.31
CA ALA D 243 -3.88 -18.55 -14.13
C ALA D 243 -3.64 -17.30 -13.30
N LEU D 244 -3.25 -16.23 -13.95
CA LEU D 244 -3.11 -14.91 -13.30
C LEU D 244 -3.85 -13.92 -14.17
N ALA D 245 -4.74 -13.12 -13.57
CA ALA D 245 -5.52 -12.11 -14.30
C ALA D 245 -5.44 -10.76 -13.59
N LEU D 246 -5.49 -9.69 -14.39
CA LEU D 246 -5.79 -8.31 -13.93
C LEU D 246 -7.29 -8.06 -14.12
N VAL D 247 -7.93 -7.46 -13.12
CA VAL D 247 -9.32 -6.95 -13.17
C VAL D 247 -9.31 -5.65 -13.94
N ARG D 248 -10.05 -5.52 -15.04
CA ARG D 248 -9.96 -4.33 -15.94
C ARG D 248 -10.70 -3.14 -15.31
#